data_8JZZ
#
_entry.id   8JZZ
#
loop_
_entity.id
_entity.type
_entity.pdbx_description
1 polymer 'Guanine nucleotide-binding protein G(I)/G(S)/G(T) subunit beta-1'
2 polymer 'Guanine nucleotide-binding protein G(o) subunit alpha'
3 polymer 'Guanine nucleotide-binding protein G(I)/G(S)/G(O) subunit gamma-2'
4 polymer 'Antibody fragment ScFv16'
5 polymer 'C5a anaphylatoxin chemotactic receptor 1'
6 polymer 'C5a anaphylatoxin'
#
loop_
_entity_poly.entity_id
_entity_poly.type
_entity_poly.pdbx_seq_one_letter_code
_entity_poly.pdbx_strand_id
1 'polypeptide(L)'
;MHHHHHHGSSGSELDQLRQEAEQLKNQIRDARKACADATLSQITNNIDPVGRIQMRTRRTLRGHLAKIYAMHWGTDSRLL
VSASQDGKLIIWDSYTTNKVHAIPLRSSWVMTCAYAPSGNYVACGGLDNICSIYNLKTREGNVRVSRELAGHTGYLSCCR
FLDDNQIVTSSGDTTCALWDIETGQQTTTFTGHTGDVMSLSLAPDTRLFVSGACDASAKLWDVREGMCRQTFTGHESDIN
AICFFPNGNAFATGSDDATCRLFDLRADQELMTYSHDNIICGITSVSFSKSGRLLLAGYDDFNCNVWDALKADRAGVLAG
HDNRVSCLGVTDDGMAVATGSWDSFLKIWN
;
B
2 'polypeptide(L)'
;MGHHHHHHENLYFQGTLSAEERAALERSKAIEKNLKEDGISAAKDVKLLLLGADNSGKSTIVKQMKIIHGGSGGSGGTTG
IVETHFTFKNLHFRLFDVGGQRSERKKWIHCFEDVTAIIFCVDLSDYNRMHESLMLFDSICNNKFFIDTSIILFLNKKDL
FGEKIKKSPLTICFPEYTGPNTYEDAAAYIQAQFESKNRSPNKEIYCHMTCATDTNNAQVIFDAVTDIIIANNLRGCGLY
;
C
3 'polypeptide(L)' MASNNTASIAQARKLVEQLKMEANIDRIKVSKAAADLMAYCEAHAKEDPLLTPVPASENPFREKKFFCAIL G
4 'polypeptide(L)'
;DVQLVESGGGLVQPGGSRKLSCSASGFAFSSFGMHWVRQAPEKGLEWVAYISSGSGTIYYADTVKGRFTISRDDPKNTLF
LQMTSLRSEDTAMYYCVRSIYYYGSSPFDFWGQGTTLTVSSGGGGSGGGGSGGGGSDIVMTQATSSVPVTPGESVSISCR
SSKSLLHSNGNTYLYWFLQRPGQSPQLLIYRMSNLASGVPDRFSGSGSGTAFTLTISRLEAEDVGVYYCMQHLEYPLTFG
AGTKLELK
;
H
5 'polypeptide(L)'
;MGKTIIALSYIFCLVFADYKDDDDAANFTPVNGSSGNQSVRLVTSSSLEVLFQGPGSDSFNYTTPDYGHYDDKDTLDLNT
PVDKTSNTLRVPDILALVIFAVVFLVGVLGNALVVWVTAFEAKRTINAIWFLNLAVADFLSCLALPILFTSIVQHHHWPF
GGAACSILPSLILLNMYASILLLATISADRFLLVFKPIWCQNFRGAGLAWIACAVAWGLALLLTIPSFLYRVVREEYFPP
KVLCGVDYSHDKRRERAVAIVRLVLGFLWPLLTLTICYTFILLRTWSRRATRSTKTLKVVVAVVASFFIFWLPYQVTGIM
MSFLEPSSPTFLLLKKLDSLCVSFAYINCCINPIIYVVAGQGFQGRLRKSLPSLLRNVLTEESVVRESKSFTRSTVDTMA
QKTQAV
;
A
6 'polypeptide(L)' TLQKKIEEIAAKYKHSVVKKCCYDGACVNNDETCEQRAARISLGPRCIKAFTECCVVASQLRANISHKDMQLGR D
#
# COMPACT_ATOMS: atom_id res chain seq x y z
N GLU A 13 -12.48 57.85 -18.95
CA GLU A 13 -13.41 56.88 -19.55
C GLU A 13 -13.58 55.67 -18.65
N LEU A 14 -12.70 55.54 -17.65
CA LEU A 14 -12.78 54.42 -16.72
C LEU A 14 -14.06 54.47 -15.90
N ASP A 15 -14.45 55.67 -15.46
CA ASP A 15 -15.66 55.80 -14.64
C ASP A 15 -16.90 55.38 -15.42
N GLN A 16 -17.00 55.78 -16.68
CA GLN A 16 -18.16 55.39 -17.48
C GLN A 16 -18.23 53.89 -17.68
N LEU A 17 -17.09 53.26 -17.97
CA LEU A 17 -17.06 51.81 -18.14
C LEU A 17 -17.41 51.10 -16.84
N ARG A 18 -16.92 51.60 -15.71
CA ARG A 18 -17.26 51.00 -14.42
C ARG A 18 -18.75 51.12 -14.13
N GLN A 19 -19.34 52.27 -14.42
CA GLN A 19 -20.77 52.45 -14.23
C GLN A 19 -21.57 51.52 -15.13
N GLU A 20 -21.14 51.37 -16.38
CA GLU A 20 -21.81 50.46 -17.30
C GLU A 20 -21.73 49.02 -16.79
N ALA A 21 -20.56 48.61 -16.31
CA ALA A 21 -20.41 47.26 -15.78
C ALA A 21 -21.27 47.04 -14.54
N GLU A 22 -21.34 48.03 -13.66
CA GLU A 22 -22.19 47.91 -12.47
C GLU A 22 -23.65 47.80 -12.86
N GLN A 23 -24.11 48.61 -13.82
CA GLN A 23 -25.49 48.53 -14.26
C GLN A 23 -25.78 47.19 -14.92
N LEU A 24 -24.84 46.67 -15.70
CA LEU A 24 -25.02 45.37 -16.33
C LEU A 24 -25.11 44.26 -15.29
N LYS A 25 -24.25 44.32 -14.27
CA LYS A 25 -24.33 43.32 -13.21
C LYS A 25 -25.65 43.41 -12.46
N ASN A 26 -26.11 44.64 -12.19
CA ASN A 26 -27.38 44.80 -11.50
C ASN A 26 -28.54 44.25 -12.32
N GLN A 27 -28.56 44.52 -13.63
CA GLN A 27 -29.66 44.03 -14.46
C GLN A 27 -29.57 42.52 -14.64
N ILE A 28 -28.36 41.96 -14.69
CA ILE A 28 -28.21 40.52 -14.75
C ILE A 28 -28.75 39.86 -13.48
N ARG A 29 -28.41 40.43 -12.32
CA ARG A 29 -28.92 39.90 -11.07
C ARG A 29 -30.44 40.01 -11.00
N ASP A 30 -30.99 41.13 -11.46
CA ASP A 30 -32.44 41.30 -11.45
C ASP A 30 -33.12 40.28 -12.36
N ALA A 31 -32.56 40.04 -13.55
CA ALA A 31 -33.12 39.06 -14.46
C ALA A 31 -33.04 37.65 -13.86
N ARG A 32 -31.90 37.32 -13.23
CA ARG A 32 -31.75 36.00 -12.63
C ARG A 32 -32.73 35.80 -11.49
N LYS A 33 -32.94 36.84 -10.66
CA LYS A 33 -33.86 36.73 -9.54
C LYS A 33 -35.32 36.81 -9.96
N ALA A 34 -35.61 37.34 -11.15
CA ALA A 34 -36.98 37.43 -11.62
C ALA A 34 -37.53 36.10 -12.08
N CYS A 35 -36.68 35.15 -12.45
CA CYS A 35 -37.12 33.84 -12.92
C CYS A 35 -37.28 32.83 -11.80
N ALA A 36 -36.91 33.17 -10.57
CA ALA A 36 -37.01 32.24 -9.44
C ALA A 36 -38.42 32.31 -8.86
N ASP A 37 -39.39 31.85 -9.66
CA ASP A 37 -40.77 31.82 -9.21
C ASP A 37 -40.97 30.84 -8.05
N ALA A 38 -40.35 29.66 -8.14
CA ALA A 38 -40.53 28.63 -7.14
C ALA A 38 -39.19 27.98 -6.86
N THR A 39 -38.91 27.74 -5.57
CA THR A 39 -37.66 27.09 -5.19
C THR A 39 -37.71 25.60 -5.44
N LEU A 40 -36.53 24.98 -5.48
CA LEU A 40 -36.44 23.54 -5.73
C LEU A 40 -36.92 22.73 -4.54
N SER A 41 -36.87 23.30 -3.33
CA SER A 41 -37.25 22.54 -2.14
C SER A 41 -38.74 22.21 -2.13
N GLN A 42 -39.59 23.19 -2.43
CA GLN A 42 -41.03 22.95 -2.43
C GLN A 42 -41.48 22.10 -3.61
N ILE A 43 -40.61 21.91 -4.60
CA ILE A 43 -40.91 20.99 -5.70
C ILE A 43 -40.45 19.57 -5.37
N THR A 44 -39.29 19.44 -4.71
CA THR A 44 -38.78 18.13 -4.33
C THR A 44 -39.42 17.58 -3.05
N ASN A 45 -40.19 18.40 -2.33
CA ASN A 45 -40.89 17.91 -1.15
C ASN A 45 -41.90 16.82 -1.48
N ASN A 46 -42.32 16.70 -2.74
CA ASN A 46 -43.34 15.75 -3.13
C ASN A 46 -42.82 14.33 -3.30
N ILE A 47 -41.51 14.14 -3.39
CA ILE A 47 -40.93 12.80 -3.58
C ILE A 47 -40.61 12.19 -2.23
N ASP A 48 -40.85 10.89 -2.12
CA ASP A 48 -40.40 10.14 -0.94
C ASP A 48 -38.88 10.09 -0.93
N PRO A 49 -38.26 10.21 0.24
CA PRO A 49 -36.79 10.15 0.31
C PRO A 49 -36.28 8.79 -0.13
N VAL A 50 -35.09 8.80 -0.76
CA VAL A 50 -34.48 7.56 -1.23
C VAL A 50 -34.06 6.64 -0.09
N GLY A 51 -33.97 7.17 1.12
CA GLY A 51 -33.55 6.37 2.27
C GLY A 51 -32.04 6.27 2.38
N ARG A 52 -31.61 5.57 3.42
CA ARG A 52 -30.18 5.40 3.66
C ARG A 52 -29.56 4.56 2.55
N ILE A 53 -28.43 5.02 2.02
CA ILE A 53 -27.70 4.33 0.96
C ILE A 53 -26.40 3.82 1.58
N GLN A 54 -26.29 2.49 1.68
CA GLN A 54 -25.11 1.84 2.27
C GLN A 54 -24.34 1.14 1.16
N MET A 55 -23.06 1.49 1.02
CA MET A 55 -22.20 0.89 0.02
C MET A 55 -20.95 0.33 0.70
N ARG A 56 -20.66 -0.93 0.41
CA ARG A 56 -19.53 -1.63 1.01
C ARG A 56 -18.34 -1.60 0.06
N THR A 57 -17.15 -1.64 0.63
CA THR A 57 -15.92 -1.62 -0.16
C THR A 57 -15.77 -2.97 -0.85
N ARG A 58 -16.17 -3.04 -2.12
CA ARG A 58 -16.10 -4.30 -2.85
C ARG A 58 -14.67 -4.65 -3.23
N ARG A 59 -13.88 -3.64 -3.63
CA ARG A 59 -12.50 -3.85 -4.03
C ARG A 59 -11.64 -2.74 -3.46
N THR A 60 -10.33 -2.93 -3.53
CA THR A 60 -9.36 -1.94 -3.03
C THR A 60 -8.12 -2.03 -3.89
N LEU A 61 -7.82 -0.95 -4.63
CA LEU A 61 -6.69 -0.94 -5.57
C LEU A 61 -5.40 -0.67 -4.81
N ARG A 62 -5.01 -1.65 -3.99
CA ARG A 62 -3.74 -1.56 -3.29
C ARG A 62 -2.58 -1.69 -4.27
N GLY A 63 -1.53 -0.93 -4.02
CA GLY A 63 -0.37 -0.95 -4.89
C GLY A 63 0.23 0.43 -5.12
N HIS A 64 -0.41 1.45 -4.55
CA HIS A 64 0.08 2.82 -4.63
C HIS A 64 0.86 3.15 -3.36
N LEU A 65 1.90 3.97 -3.51
CA LEU A 65 2.76 4.34 -2.39
C LEU A 65 2.89 5.85 -2.26
N ALA A 66 1.84 6.58 -2.60
CA ALA A 66 1.85 8.04 -2.50
C ALA A 66 0.39 8.52 -2.50
N LYS A 67 0.21 9.84 -2.57
CA LYS A 67 -1.13 10.40 -2.52
C LYS A 67 -1.81 10.30 -3.88
N ILE A 68 -3.09 9.92 -3.87
CA ILE A 68 -3.87 9.75 -5.08
C ILE A 68 -4.55 11.07 -5.43
N TYR A 69 -4.45 11.47 -6.69
CA TYR A 69 -5.01 12.73 -7.14
C TYR A 69 -6.03 12.62 -8.26
N ALA A 70 -6.22 11.42 -8.84
CA ALA A 70 -7.18 11.28 -9.93
C ALA A 70 -7.63 9.83 -10.04
N MET A 71 -8.89 9.64 -10.42
CA MET A 71 -9.45 8.32 -10.68
C MET A 71 -10.55 8.49 -11.72
N HIS A 72 -10.22 8.22 -12.98
CA HIS A 72 -11.14 8.41 -14.10
C HIS A 72 -11.56 7.06 -14.66
N TRP A 73 -12.88 6.84 -14.71
CA TRP A 73 -13.43 5.59 -15.21
C TRP A 73 -13.39 5.53 -16.74
N GLY A 74 -13.26 4.31 -17.26
CA GLY A 74 -13.35 4.10 -18.68
C GLY A 74 -14.79 4.08 -19.18
N THR A 75 -14.93 4.11 -20.50
CA THR A 75 -16.26 4.06 -21.10
C THR A 75 -16.90 2.68 -20.95
N ASP A 76 -16.11 1.65 -20.71
CA ASP A 76 -16.64 0.31 -20.45
C ASP A 76 -16.94 0.05 -18.99
N SER A 77 -16.62 1.01 -18.11
CA SER A 77 -16.90 0.92 -16.68
C SER A 77 -16.21 -0.28 -16.03
N ARG A 78 -15.03 -0.63 -16.53
CA ARG A 78 -14.26 -1.73 -15.94
C ARG A 78 -12.82 -1.30 -15.67
N LEU A 79 -12.31 -0.37 -16.48
CA LEU A 79 -10.93 0.11 -16.34
C LEU A 79 -10.93 1.48 -15.67
N LEU A 80 -10.19 1.58 -14.57
CA LEU A 80 -10.01 2.84 -13.86
C LEU A 80 -8.53 3.17 -13.80
N VAL A 81 -8.19 4.42 -14.11
CA VAL A 81 -6.82 4.90 -14.10
C VAL A 81 -6.62 5.79 -12.88
N SER A 82 -5.56 5.53 -12.12
CA SER A 82 -5.25 6.27 -10.92
C SER A 82 -3.86 6.89 -11.05
N ALA A 83 -3.76 8.15 -10.63
CA ALA A 83 -2.51 8.89 -10.69
C ALA A 83 -2.07 9.30 -9.30
N SER A 84 -0.78 9.17 -9.02
CA SER A 84 -0.22 9.47 -7.71
C SER A 84 1.08 10.23 -7.89
N GLN A 85 1.67 10.64 -6.77
CA GLN A 85 2.94 11.36 -6.78
C GLN A 85 4.14 10.43 -6.59
N ASP A 86 3.93 9.12 -6.62
CA ASP A 86 5.05 8.19 -6.64
C ASP A 86 5.76 8.17 -7.98
N GLY A 87 5.19 8.83 -9.00
CA GLY A 87 5.74 8.81 -10.34
C GLY A 87 5.10 7.81 -11.27
N LYS A 88 4.03 7.16 -10.85
CA LYS A 88 3.38 6.11 -11.64
C LYS A 88 1.88 6.38 -11.71
N LEU A 89 1.31 6.10 -12.88
CA LEU A 89 -0.13 6.19 -13.12
C LEU A 89 -0.62 4.80 -13.49
N ILE A 90 -0.99 4.03 -12.48
CA ILE A 90 -1.37 2.63 -12.68
C ILE A 90 -2.79 2.55 -13.20
N ILE A 91 -2.98 1.80 -14.29
CA ILE A 91 -4.31 1.53 -14.82
C ILE A 91 -4.80 0.21 -14.22
N TRP A 92 -5.95 0.25 -13.57
CA TRP A 92 -6.45 -0.88 -12.80
C TRP A 92 -7.59 -1.58 -13.54
N ASP A 93 -7.77 -2.85 -13.21
CA ASP A 93 -8.92 -3.64 -13.65
C ASP A 93 -9.84 -3.78 -12.45
N SER A 94 -11.04 -3.19 -12.55
CA SER A 94 -11.90 -3.07 -11.37
C SER A 94 -12.61 -4.36 -11.03
N TYR A 95 -12.57 -5.36 -11.90
CA TYR A 95 -13.27 -6.60 -11.61
C TYR A 95 -12.35 -7.62 -10.94
N THR A 96 -11.13 -7.77 -11.44
CA THR A 96 -10.21 -8.79 -10.95
C THR A 96 -9.06 -8.22 -10.14
N THR A 97 -9.12 -6.92 -9.78
CA THR A 97 -8.11 -6.21 -8.98
C THR A 97 -6.81 -6.04 -9.76
N ASN A 98 -6.70 -6.61 -10.95
CA ASN A 98 -5.45 -6.62 -11.70
C ASN A 98 -5.06 -5.21 -12.13
N LYS A 99 -3.75 -5.01 -12.27
CA LYS A 99 -3.19 -3.77 -12.81
C LYS A 99 -2.86 -4.01 -14.28
N VAL A 100 -3.57 -3.32 -15.17
CA VAL A 100 -3.34 -3.50 -16.60
C VAL A 100 -2.03 -2.87 -17.04
N HIS A 101 -1.79 -1.63 -16.64
CA HIS A 101 -0.59 -0.90 -17.01
C HIS A 101 -0.06 -0.13 -15.81
N ALA A 102 1.23 0.23 -15.89
CA ALA A 102 1.88 1.07 -14.90
C ALA A 102 2.74 2.09 -15.66
N ILE A 103 2.13 3.22 -15.97
CA ILE A 103 2.82 4.25 -16.76
C ILE A 103 3.80 4.99 -15.84
N PRO A 104 5.09 5.02 -16.18
CA PRO A 104 6.05 5.82 -15.39
C PRO A 104 5.97 7.29 -15.79
N LEU A 105 5.44 8.11 -14.90
CA LEU A 105 5.26 9.53 -15.19
C LEU A 105 6.61 10.25 -15.21
N ARG A 106 6.72 11.24 -16.10
CA ARG A 106 7.95 12.02 -16.19
C ARG A 106 8.19 12.82 -14.93
N SER A 107 7.14 13.43 -14.38
CA SER A 107 7.24 14.24 -13.17
C SER A 107 6.28 13.69 -12.12
N SER A 108 6.78 13.59 -10.89
CA SER A 108 5.97 13.09 -9.78
C SER A 108 4.77 13.96 -9.49
N TRP A 109 4.85 15.25 -9.80
CA TRP A 109 3.79 16.21 -9.45
C TRP A 109 2.64 16.06 -10.44
N VAL A 110 1.56 15.41 -10.00
CA VAL A 110 0.39 15.15 -10.83
C VAL A 110 -0.85 15.45 -10.01
N MET A 111 -1.77 16.24 -10.58
CA MET A 111 -3.03 16.57 -9.94
C MET A 111 -4.24 16.24 -10.82
N THR A 112 -4.03 15.64 -11.98
CA THR A 112 -5.13 15.25 -12.85
C THR A 112 -4.67 14.14 -13.78
N CYS A 113 -5.62 13.28 -14.15
CA CYS A 113 -5.37 12.20 -15.10
C CYS A 113 -6.64 11.93 -15.87
N ALA A 114 -6.52 11.83 -17.19
CA ALA A 114 -7.67 11.67 -18.07
C ALA A 114 -7.59 10.33 -18.80
N TYR A 115 -8.76 9.73 -19.01
CA TYR A 115 -8.89 8.48 -19.75
C TYR A 115 -9.76 8.75 -20.97
N ALA A 116 -9.23 8.43 -22.15
CA ALA A 116 -9.95 8.70 -23.38
C ALA A 116 -11.23 7.88 -23.44
N PRO A 117 -12.30 8.41 -24.04
CA PRO A 117 -13.54 7.63 -24.17
C PRO A 117 -13.37 6.37 -24.99
N SER A 118 -12.49 6.37 -26.00
CA SER A 118 -12.22 5.18 -26.77
C SER A 118 -11.24 4.24 -26.07
N GLY A 119 -10.57 4.70 -25.01
CA GLY A 119 -9.68 3.86 -24.24
C GLY A 119 -8.26 3.77 -24.76
N ASN A 120 -7.98 4.35 -25.93
CA ASN A 120 -6.64 4.25 -26.50
C ASN A 120 -5.66 5.20 -25.84
N TYR A 121 -6.13 6.33 -25.29
CA TYR A 121 -5.25 7.40 -24.85
C TYR A 121 -5.46 7.70 -23.37
N VAL A 122 -4.37 8.08 -22.70
CA VAL A 122 -4.40 8.52 -21.32
C VAL A 122 -3.65 9.84 -21.22
N ALA A 123 -4.26 10.83 -20.57
CA ALA A 123 -3.65 12.14 -20.37
C ALA A 123 -3.30 12.32 -18.90
N CYS A 124 -2.17 12.98 -18.65
CA CYS A 124 -1.69 13.19 -17.29
C CYS A 124 -0.76 14.39 -17.28
N GLY A 125 -0.95 15.28 -16.31
CA GLY A 125 -0.12 16.46 -16.20
C GLY A 125 -0.31 17.13 -14.86
N GLY A 126 0.74 17.81 -14.40
CA GLY A 126 0.71 18.47 -13.11
C GLY A 126 1.41 19.81 -13.08
N LEU A 127 2.31 19.99 -12.11
CA LEU A 127 3.01 21.26 -11.94
C LEU A 127 3.98 21.58 -13.07
N ASP A 128 4.15 20.68 -14.05
CA ASP A 128 5.07 20.93 -15.16
C ASP A 128 4.49 21.87 -16.20
N ASN A 129 3.22 22.26 -16.07
CA ASN A 129 2.51 23.07 -17.07
C ASN A 129 2.41 22.32 -18.40
N ILE A 130 2.43 20.99 -18.35
CA ILE A 130 2.39 20.16 -19.54
C ILE A 130 1.37 19.06 -19.32
N CYS A 131 0.47 18.86 -20.27
CA CYS A 131 -0.54 17.81 -20.23
C CYS A 131 -0.09 16.72 -21.20
N SER A 132 0.64 15.74 -20.70
CA SER A 132 1.17 14.69 -21.55
C SER A 132 0.09 13.69 -21.94
N ILE A 133 0.26 13.08 -23.10
CA ILE A 133 -0.69 12.13 -23.67
C ILE A 133 -0.01 10.78 -23.77
N TYR A 134 -0.66 9.74 -23.23
CA TYR A 134 -0.11 8.39 -23.21
C TYR A 134 -0.90 7.50 -24.15
N ASN A 135 -0.19 6.74 -24.99
CA ASN A 135 -0.79 5.84 -25.96
C ASN A 135 -0.83 4.43 -25.37
N LEU A 136 -2.02 3.96 -25.02
CA LEU A 136 -2.16 2.63 -24.43
C LEU A 136 -2.02 1.51 -25.46
N LYS A 137 -2.47 1.74 -26.68
CA LYS A 137 -2.52 0.70 -27.71
C LYS A 137 -1.34 0.77 -28.67
N THR A 138 -0.16 1.13 -28.17
CA THR A 138 1.03 1.19 -29.01
C THR A 138 1.36 -0.19 -29.56
N ARG A 139 1.91 -0.21 -30.78
CA ARG A 139 2.25 -1.46 -31.43
C ARG A 139 3.48 -2.11 -30.81
N GLU A 140 4.38 -1.31 -30.25
CA GLU A 140 5.59 -1.86 -29.62
C GLU A 140 5.29 -2.66 -28.36
N GLY A 141 4.08 -2.56 -27.83
CA GLY A 141 3.67 -3.31 -26.66
C GLY A 141 3.77 -2.56 -25.35
N ASN A 142 4.54 -1.48 -25.30
CA ASN A 142 4.69 -0.67 -24.10
C ASN A 142 3.97 0.66 -24.28
N VAL A 143 3.46 1.19 -23.17
CA VAL A 143 2.79 2.49 -23.18
C VAL A 143 3.85 3.59 -23.24
N ARG A 144 3.67 4.53 -24.17
CA ARG A 144 4.64 5.59 -24.41
C ARG A 144 3.93 6.94 -24.42
N VAL A 145 4.74 7.99 -24.48
CA VAL A 145 4.21 9.36 -24.50
C VAL A 145 3.84 9.71 -25.94
N SER A 146 2.59 10.10 -26.14
CA SER A 146 2.09 10.43 -27.48
C SER A 146 2.33 11.91 -27.82
N ARG A 147 1.80 12.80 -27.00
CA ARG A 147 1.91 14.23 -27.26
C ARG A 147 2.03 14.98 -25.94
N GLU A 148 3.07 15.80 -25.81
CA GLU A 148 3.25 16.65 -24.63
C GLU A 148 2.67 18.02 -24.96
N LEU A 149 1.59 18.38 -24.28
CA LEU A 149 0.87 19.63 -24.55
C LEU A 149 1.41 20.72 -23.63
N ALA A 150 2.34 21.50 -24.13
CA ALA A 150 2.92 22.62 -23.41
C ALA A 150 2.35 23.94 -23.93
N GLY A 151 2.43 24.97 -23.09
CA GLY A 151 1.91 26.27 -23.45
C GLY A 151 1.25 27.02 -22.30
N HIS A 152 1.10 26.34 -21.16
CA HIS A 152 0.51 26.95 -19.98
C HIS A 152 1.61 27.57 -19.10
N THR A 153 1.23 28.61 -18.37
CA THR A 153 2.10 29.23 -17.38
C THR A 153 1.67 28.92 -15.95
N GLY A 154 0.76 27.96 -15.77
CA GLY A 154 0.32 27.55 -14.45
C GLY A 154 0.05 26.06 -14.43
N TYR A 155 -0.17 25.55 -13.23
CA TYR A 155 -0.39 24.12 -13.05
C TYR A 155 -1.69 23.68 -13.72
N LEU A 156 -1.62 22.52 -14.39
CA LEU A 156 -2.81 21.96 -15.01
C LEU A 156 -3.62 21.22 -13.95
N SER A 157 -4.82 21.73 -13.65
CA SER A 157 -5.64 21.20 -12.58
C SER A 157 -6.60 20.11 -13.03
N CYS A 158 -7.05 20.14 -14.27
CA CYS A 158 -8.00 19.13 -14.76
C CYS A 158 -7.93 19.08 -16.28
N CYS A 159 -7.91 17.86 -16.82
CA CYS A 159 -7.94 17.63 -18.25
C CYS A 159 -8.96 16.55 -18.55
N ARG A 160 -9.81 16.78 -19.54
CA ARG A 160 -10.83 15.83 -19.93
C ARG A 160 -10.84 15.67 -21.44
N PHE A 161 -11.09 14.44 -21.89
CA PHE A 161 -11.06 14.11 -23.31
C PHE A 161 -12.43 14.35 -23.92
N LEU A 162 -12.51 15.28 -24.88
CA LEU A 162 -13.73 15.41 -25.67
C LEU A 162 -13.87 14.24 -26.63
N ASP A 163 -12.78 13.90 -27.33
CA ASP A 163 -12.73 12.73 -28.20
C ASP A 163 -11.28 12.31 -28.33
N ASP A 164 -11.00 11.42 -29.28
CA ASP A 164 -9.64 10.90 -29.46
C ASP A 164 -8.65 11.97 -29.92
N ASN A 165 -9.13 13.11 -30.40
CA ASN A 165 -8.25 14.12 -30.99
C ASN A 165 -8.17 15.40 -30.19
N GLN A 166 -9.26 15.83 -29.54
CA GLN A 166 -9.33 17.10 -28.85
C GLN A 166 -9.51 16.88 -27.36
N ILE A 167 -8.67 17.54 -26.56
CA ILE A 167 -8.71 17.47 -25.11
C ILE A 167 -8.82 18.90 -24.57
N VAL A 168 -9.70 19.10 -23.60
CA VAL A 168 -9.90 20.39 -22.97
C VAL A 168 -9.24 20.36 -21.59
N THR A 169 -8.19 21.16 -21.42
CA THR A 169 -7.38 21.15 -20.20
C THR A 169 -7.59 22.44 -19.41
N SER A 170 -7.77 22.29 -18.11
CA SER A 170 -7.89 23.42 -17.20
C SER A 170 -6.55 23.65 -16.52
N SER A 171 -6.03 24.88 -16.62
CA SER A 171 -4.75 25.24 -16.06
C SER A 171 -4.94 26.19 -14.89
N GLY A 172 -3.85 26.38 -14.13
CA GLY A 172 -3.83 27.27 -13.00
C GLY A 172 -3.47 28.71 -13.32
N ASP A 173 -3.23 29.03 -14.58
CA ASP A 173 -2.90 30.38 -15.01
C ASP A 173 -4.10 31.12 -15.59
N THR A 174 -5.29 30.85 -15.06
CA THR A 174 -6.54 31.52 -15.49
C THR A 174 -6.78 31.32 -16.98
N THR A 175 -6.53 30.12 -17.49
CA THR A 175 -6.67 29.86 -18.93
C THR A 175 -7.12 28.42 -19.13
N CYS A 176 -8.42 28.22 -19.32
CA CYS A 176 -8.93 26.96 -19.82
C CYS A 176 -8.65 26.87 -21.32
N ALA A 177 -8.15 25.73 -21.76
CA ALA A 177 -7.66 25.61 -23.13
C ALA A 177 -8.29 24.41 -23.82
N LEU A 178 -8.48 24.55 -25.13
CA LEU A 178 -8.88 23.47 -26.01
C LEU A 178 -7.71 23.12 -26.92
N TRP A 179 -7.28 21.86 -26.88
CA TRP A 179 -6.06 21.44 -27.55
C TRP A 179 -6.39 20.61 -28.80
N ASP A 180 -5.33 20.20 -29.50
CA ASP A 180 -5.44 19.35 -30.68
C ASP A 180 -4.27 18.37 -30.56
N ILE A 181 -4.57 17.16 -30.07
CA ILE A 181 -3.51 16.19 -29.78
C ILE A 181 -2.74 15.81 -31.03
N GLU A 182 -3.39 15.87 -32.20
CA GLU A 182 -2.71 15.52 -33.44
C GLU A 182 -1.57 16.48 -33.75
N THR A 183 -1.78 17.78 -33.50
CA THR A 183 -0.78 18.80 -33.78
C THR A 183 -0.12 19.37 -32.53
N GLY A 184 -0.78 19.30 -31.38
CA GLY A 184 -0.20 19.79 -30.14
C GLY A 184 -0.32 21.29 -29.91
N GLN A 185 -1.11 21.99 -30.72
CA GLN A 185 -1.25 23.43 -30.59
C GLN A 185 -2.67 23.77 -30.14
N GLN A 186 -2.78 24.77 -29.28
CA GLN A 186 -4.08 25.20 -28.76
C GLN A 186 -4.91 25.76 -29.90
N THR A 187 -5.96 25.04 -30.28
CA THR A 187 -6.84 25.50 -31.35
C THR A 187 -7.66 26.72 -30.93
N THR A 188 -8.23 26.66 -29.72
CA THR A 188 -9.10 27.72 -29.22
C THR A 188 -8.79 27.96 -27.75
N THR A 189 -8.93 29.23 -27.33
CA THR A 189 -8.58 29.63 -25.97
C THR A 189 -9.81 30.20 -25.27
N PHE A 190 -9.96 29.83 -24.00
CA PHE A 190 -11.02 30.36 -23.15
C PHE A 190 -10.39 31.20 -22.06
N THR A 191 -10.79 32.47 -21.98
CA THR A 191 -10.28 33.38 -20.97
C THR A 191 -11.41 34.20 -20.39
N GLY A 192 -11.21 34.69 -19.16
CA GLY A 192 -12.23 35.41 -18.45
C GLY A 192 -12.22 35.14 -16.96
N HIS A 193 -11.41 34.20 -16.53
CA HIS A 193 -11.27 33.89 -15.11
C HIS A 193 -10.13 34.71 -14.52
N THR A 194 -10.30 35.10 -13.25
CA THR A 194 -9.29 35.87 -12.54
C THR A 194 -8.43 35.02 -11.61
N GLY A 195 -8.98 33.92 -11.08
CA GLY A 195 -8.24 33.00 -10.26
C GLY A 195 -7.93 31.70 -10.99
N ASP A 196 -7.16 30.85 -10.31
CA ASP A 196 -6.74 29.58 -10.89
C ASP A 196 -7.94 28.70 -11.19
N VAL A 197 -8.00 28.15 -12.40
CA VAL A 197 -9.10 27.28 -12.81
C VAL A 197 -8.81 25.89 -12.25
N MET A 198 -9.45 25.56 -11.13
CA MET A 198 -9.12 24.35 -10.39
C MET A 198 -9.94 23.13 -10.80
N SER A 199 -10.93 23.28 -11.68
CA SER A 199 -11.76 22.15 -12.04
C SER A 199 -12.31 22.35 -13.45
N LEU A 200 -12.75 21.25 -14.06
CA LEU A 200 -13.26 21.26 -15.42
C LEU A 200 -14.12 20.02 -15.63
N SER A 201 -15.15 20.16 -16.47
CA SER A 201 -16.06 19.03 -16.72
C SER A 201 -16.74 19.25 -18.07
N LEU A 202 -16.46 18.35 -19.01
CA LEU A 202 -17.11 18.41 -20.32
C LEU A 202 -18.54 17.90 -20.24
N ALA A 203 -19.39 18.43 -21.11
CA ALA A 203 -20.78 18.02 -21.17
C ALA A 203 -20.90 16.63 -21.80
N PRO A 204 -22.02 15.94 -21.57
CA PRO A 204 -22.21 14.63 -22.23
C PRO A 204 -22.16 14.69 -23.74
N ASP A 205 -22.64 15.78 -24.34
CA ASP A 205 -22.61 15.92 -25.80
C ASP A 205 -21.29 16.43 -26.33
N THR A 206 -20.34 16.77 -25.44
CA THR A 206 -18.98 17.18 -25.82
C THR A 206 -18.98 18.37 -26.77
N ARG A 207 -19.90 19.30 -26.56
CA ARG A 207 -19.94 20.55 -27.30
C ARG A 207 -19.73 21.78 -26.43
N LEU A 208 -19.71 21.62 -25.11
CA LEU A 208 -19.55 22.72 -24.17
C LEU A 208 -19.11 22.14 -22.82
N PHE A 209 -18.60 23.01 -21.96
CA PHE A 209 -18.05 22.54 -20.68
C PHE A 209 -18.06 23.68 -19.67
N VAL A 210 -18.09 23.29 -18.39
CA VAL A 210 -18.00 24.23 -17.30
C VAL A 210 -16.59 24.22 -16.72
N SER A 211 -16.28 25.20 -15.88
CA SER A 211 -15.00 25.25 -15.20
C SER A 211 -15.15 26.06 -13.92
N GLY A 212 -14.76 25.45 -12.80
CA GLY A 212 -14.81 26.14 -11.52
C GLY A 212 -13.44 26.63 -11.09
N ALA A 213 -13.24 27.95 -11.13
CA ALA A 213 -11.94 28.54 -10.85
C ALA A 213 -11.82 28.92 -9.39
N CYS A 214 -10.61 29.38 -9.02
CA CYS A 214 -10.31 29.72 -7.63
C CYS A 214 -11.00 31.01 -7.17
N ASP A 215 -11.54 31.82 -8.10
CA ASP A 215 -12.17 33.08 -7.75
C ASP A 215 -13.65 32.95 -7.48
N ALA A 216 -14.10 31.76 -7.07
CA ALA A 216 -15.50 31.52 -6.68
C ALA A 216 -16.46 31.83 -7.83
N SER A 217 -16.10 31.35 -9.02
CA SER A 217 -16.94 31.55 -10.20
C SER A 217 -16.85 30.32 -11.09
N ALA A 218 -17.99 29.91 -11.63
CA ALA A 218 -18.08 28.76 -12.53
C ALA A 218 -18.72 29.23 -13.83
N LYS A 219 -17.89 29.42 -14.86
CA LYS A 219 -18.34 29.91 -16.15
C LYS A 219 -18.34 28.79 -17.17
N LEU A 220 -19.47 28.59 -17.84
CA LEU A 220 -19.58 27.60 -18.90
C LEU A 220 -19.11 28.19 -20.22
N TRP A 221 -18.27 27.44 -20.92
CA TRP A 221 -17.67 27.90 -22.17
C TRP A 221 -18.27 27.15 -23.35
N ASP A 222 -17.96 27.64 -24.55
CA ASP A 222 -18.39 27.03 -25.80
C ASP A 222 -17.16 26.47 -26.50
N VAL A 223 -17.20 25.18 -26.83
CA VAL A 223 -16.03 24.54 -27.44
C VAL A 223 -15.79 25.05 -28.86
N ARG A 224 -16.85 25.38 -29.59
CA ARG A 224 -16.71 25.67 -31.02
C ARG A 224 -15.97 26.98 -31.24
N GLU A 225 -16.52 28.10 -30.76
CA GLU A 225 -15.90 29.40 -30.99
C GLU A 225 -15.34 30.05 -29.73
N GLY A 226 -15.28 29.32 -28.62
CA GLY A 226 -14.55 29.78 -27.45
C GLY A 226 -15.05 31.05 -26.81
N MET A 227 -16.36 31.15 -26.58
CA MET A 227 -16.95 32.30 -25.91
C MET A 227 -17.84 31.84 -24.77
N CYS A 228 -17.71 32.51 -23.63
CA CYS A 228 -18.49 32.17 -22.44
C CYS A 228 -19.96 32.48 -22.69
N ARG A 229 -20.84 31.55 -22.31
CA ARG A 229 -22.27 31.77 -22.49
C ARG A 229 -22.92 32.32 -21.22
N GLN A 230 -22.66 31.67 -20.09
CA GLN A 230 -23.26 32.08 -18.82
C GLN A 230 -22.19 32.07 -17.74
N THR A 231 -22.41 32.88 -16.72
CA THR A 231 -21.53 32.94 -15.55
C THR A 231 -22.36 32.74 -14.30
N PHE A 232 -21.77 32.02 -13.33
CA PHE A 232 -22.48 31.64 -12.11
C PHE A 232 -21.66 32.05 -10.90
N THR A 233 -22.30 32.72 -9.96
CA THR A 233 -21.67 33.14 -8.71
C THR A 233 -22.57 32.77 -7.54
N GLY A 234 -22.01 32.85 -6.34
CA GLY A 234 -22.74 32.50 -5.14
C GLY A 234 -21.86 31.80 -4.12
N HIS A 235 -20.75 31.25 -4.58
CA HIS A 235 -19.78 30.63 -3.68
C HIS A 235 -18.90 31.71 -3.05
N GLU A 236 -18.66 31.57 -1.75
CA GLU A 236 -17.80 32.51 -1.03
C GLU A 236 -16.34 32.06 -0.95
N SER A 237 -16.01 30.90 -1.51
CA SER A 237 -14.65 30.38 -1.47
C SER A 237 -14.34 29.75 -2.82
N ASP A 238 -13.12 29.25 -2.96
CA ASP A 238 -12.68 28.67 -4.23
C ASP A 238 -13.46 27.39 -4.53
N ILE A 239 -13.58 27.09 -5.83
CA ILE A 239 -14.29 25.91 -6.30
C ILE A 239 -13.26 24.83 -6.60
N ASN A 240 -13.39 23.68 -5.94
CA ASN A 240 -12.44 22.58 -6.11
C ASN A 240 -12.96 21.47 -6.99
N ALA A 241 -14.25 21.43 -7.27
CA ALA A 241 -14.82 20.34 -8.06
C ALA A 241 -16.00 20.86 -8.87
N ILE A 242 -16.16 20.32 -10.07
CA ILE A 242 -17.29 20.64 -10.93
C ILE A 242 -17.57 19.43 -11.81
N CYS A 243 -18.86 19.21 -12.09
CA CYS A 243 -19.27 18.07 -12.91
C CYS A 243 -20.69 18.32 -13.40
N PHE A 244 -20.96 17.89 -14.62
CA PHE A 244 -22.28 18.05 -15.21
C PHE A 244 -23.29 17.08 -14.62
N PHE A 245 -24.56 17.45 -14.70
CA PHE A 245 -25.65 16.54 -14.40
C PHE A 245 -25.72 15.47 -15.49
N PRO A 246 -26.32 14.32 -15.18
CA PRO A 246 -26.44 13.28 -16.21
C PRO A 246 -27.23 13.71 -17.44
N ASN A 247 -28.17 14.65 -17.27
CA ASN A 247 -28.96 15.15 -18.39
C ASN A 247 -28.25 16.23 -19.20
N GLY A 248 -27.19 16.82 -18.68
CA GLY A 248 -26.49 17.89 -19.36
C GLY A 248 -27.13 19.25 -19.25
N ASN A 249 -28.24 19.38 -18.50
CA ASN A 249 -28.92 20.65 -18.33
C ASN A 249 -28.56 21.31 -17.00
N ALA A 250 -27.62 20.76 -16.26
CA ALA A 250 -27.24 21.31 -14.96
C ALA A 250 -25.85 20.80 -14.61
N PHE A 251 -25.27 21.42 -13.59
CA PHE A 251 -23.97 21.01 -13.09
C PHE A 251 -23.86 21.39 -11.62
N ALA A 252 -22.93 20.72 -10.93
CA ALA A 252 -22.71 20.94 -9.50
C ALA A 252 -21.25 21.30 -9.28
N THR A 253 -21.02 22.36 -8.52
CA THR A 253 -19.68 22.87 -8.26
C THR A 253 -19.33 22.67 -6.80
N GLY A 254 -18.18 22.04 -6.55
CA GLY A 254 -17.73 21.80 -5.20
C GLY A 254 -16.79 22.89 -4.70
N SER A 255 -17.21 23.62 -3.68
CA SER A 255 -16.45 24.75 -3.15
C SER A 255 -15.70 24.35 -1.90
N ASP A 256 -14.61 25.08 -1.64
CA ASP A 256 -13.78 24.85 -0.46
C ASP A 256 -14.43 25.34 0.83
N ASP A 257 -15.64 25.92 0.75
CA ASP A 257 -16.38 26.37 1.92
C ASP A 257 -17.31 25.30 2.47
N ALA A 258 -17.01 24.03 2.22
CA ALA A 258 -17.79 22.88 2.70
C ALA A 258 -19.21 22.89 2.15
N THR A 259 -19.45 23.58 1.03
CA THR A 259 -20.76 23.62 0.40
C THR A 259 -20.60 23.38 -1.10
N CYS A 260 -21.54 22.66 -1.69
CA CYS A 260 -21.63 22.49 -3.13
C CYS A 260 -23.05 22.78 -3.57
N ARG A 261 -23.19 23.52 -4.67
CA ARG A 261 -24.48 23.94 -5.17
C ARG A 261 -24.73 23.34 -6.56
N LEU A 262 -26.01 23.31 -6.93
CA LEU A 262 -26.44 22.74 -8.21
C LEU A 262 -26.95 23.86 -9.10
N PHE A 263 -26.08 24.38 -9.95
CA PHE A 263 -26.47 25.40 -10.91
C PHE A 263 -27.21 24.75 -12.08
N ASP A 264 -27.98 25.56 -12.79
CA ASP A 264 -28.74 25.13 -13.96
C ASP A 264 -28.50 26.10 -15.11
N LEU A 265 -28.30 25.54 -16.31
CA LEU A 265 -28.06 26.39 -17.47
C LEU A 265 -29.32 27.08 -17.95
N ARG A 266 -30.46 26.37 -17.90
CA ARG A 266 -31.71 26.96 -18.35
C ARG A 266 -32.18 28.05 -17.39
N ALA A 267 -32.07 27.81 -16.08
CA ALA A 267 -32.48 28.81 -15.10
C ALA A 267 -31.40 29.86 -14.84
N ASP A 268 -30.16 29.59 -15.26
CA ASP A 268 -29.05 30.55 -15.14
C ASP A 268 -28.77 30.94 -13.69
N GLN A 269 -29.14 30.07 -12.75
CA GLN A 269 -28.93 30.37 -11.34
C GLN A 269 -28.90 29.07 -10.55
N GLU A 270 -28.33 29.14 -9.35
CA GLU A 270 -28.25 27.97 -8.49
C GLU A 270 -29.65 27.52 -8.08
N LEU A 271 -29.84 26.20 -7.97
CA LEU A 271 -31.12 25.61 -7.59
C LEU A 271 -31.15 25.24 -6.11
N MET A 272 -30.20 24.42 -5.67
CA MET A 272 -30.15 23.97 -4.29
C MET A 272 -28.70 23.99 -3.81
N THR A 273 -28.53 24.05 -2.49
CA THR A 273 -27.23 24.05 -1.85
C THR A 273 -27.12 22.84 -0.93
N TYR A 274 -25.93 22.27 -0.86
CA TYR A 274 -25.68 21.04 -0.08
C TYR A 274 -24.73 21.41 1.05
N SER A 275 -25.31 21.84 2.17
CA SER A 275 -24.54 22.25 3.34
C SER A 275 -25.17 21.69 4.60
N HIS A 276 -24.34 21.52 5.62
CA HIS A 276 -24.79 21.03 6.92
C HIS A 276 -23.97 21.70 8.01
N ASP A 277 -24.52 21.69 9.22
CA ASP A 277 -23.86 22.35 10.35
C ASP A 277 -22.55 21.68 10.72
N ASN A 278 -22.51 20.34 10.68
CA ASN A 278 -21.36 19.59 11.21
C ASN A 278 -20.22 19.43 10.22
N ILE A 279 -20.38 19.86 8.97
CA ILE A 279 -19.33 19.72 7.96
C ILE A 279 -18.63 21.06 7.77
N ILE A 280 -17.31 21.05 7.91
CA ILE A 280 -16.51 22.25 7.69
C ILE A 280 -15.33 22.02 6.75
N CYS A 281 -14.93 20.78 6.48
CA CYS A 281 -13.81 20.54 5.60
C CYS A 281 -14.18 20.87 4.15
N GLY A 282 -13.16 21.16 3.34
CA GLY A 282 -13.39 21.57 1.97
C GLY A 282 -13.59 20.39 1.04
N ILE A 283 -14.55 20.54 0.13
CA ILE A 283 -14.81 19.51 -0.87
C ILE A 283 -13.63 19.42 -1.82
N THR A 284 -13.30 18.20 -2.24
CA THR A 284 -12.19 17.97 -3.15
C THR A 284 -12.60 17.40 -4.50
N SER A 285 -13.70 16.65 -4.57
CA SER A 285 -14.17 16.12 -5.84
C SER A 285 -15.65 15.80 -5.72
N VAL A 286 -16.37 15.95 -6.83
CA VAL A 286 -17.80 15.68 -6.89
C VAL A 286 -18.09 14.89 -8.15
N SER A 287 -19.21 14.15 -8.12
CA SER A 287 -19.68 13.39 -9.27
C SER A 287 -21.14 13.03 -9.05
N PHE A 288 -21.81 12.71 -10.15
CA PHE A 288 -23.23 12.36 -10.12
C PHE A 288 -23.39 10.84 -10.31
N SER A 289 -24.64 10.41 -10.30
CA SER A 289 -24.99 9.02 -10.59
C SER A 289 -25.55 8.93 -12.00
N LYS A 290 -25.85 7.69 -12.42
CA LYS A 290 -26.39 7.48 -13.76
C LYS A 290 -27.74 8.17 -13.92
N SER A 291 -28.60 8.08 -12.91
CA SER A 291 -29.90 8.74 -12.93
C SER A 291 -29.83 10.19 -12.45
N GLY A 292 -28.70 10.62 -11.91
CA GLY A 292 -28.56 11.97 -11.42
C GLY A 292 -29.13 12.22 -10.04
N ARG A 293 -29.72 11.20 -9.40
CA ARG A 293 -30.28 11.39 -8.07
C ARG A 293 -29.22 11.44 -6.99
N LEU A 294 -28.13 10.68 -7.15
CA LEU A 294 -27.07 10.63 -6.16
C LEU A 294 -25.89 11.48 -6.61
N LEU A 295 -25.36 12.28 -5.71
CA LEU A 295 -24.21 13.16 -5.97
C LEU A 295 -23.12 12.79 -4.97
N LEU A 296 -22.21 11.91 -5.39
CA LEU A 296 -21.11 11.49 -4.53
C LEU A 296 -20.06 12.59 -4.43
N ALA A 297 -20.15 13.40 -3.38
CA ALA A 297 -19.23 14.53 -3.19
C ALA A 297 -18.17 14.15 -2.17
N GLY A 298 -16.91 14.17 -2.58
CA GLY A 298 -15.83 13.92 -1.67
C GLY A 298 -15.62 15.07 -0.70
N TYR A 299 -14.94 14.78 0.41
CA TYR A 299 -14.67 15.77 1.44
C TYR A 299 -13.27 15.56 1.99
N ASP A 300 -12.74 16.63 2.58
CA ASP A 300 -11.44 16.58 3.24
C ASP A 300 -11.52 16.05 4.66
N ASP A 301 -12.72 15.73 5.14
CA ASP A 301 -12.91 15.20 6.49
C ASP A 301 -12.74 13.68 6.56
N PHE A 302 -12.00 13.10 5.61
CA PHE A 302 -11.63 11.69 5.49
C PHE A 302 -12.78 10.81 4.99
N ASN A 303 -13.96 11.36 4.75
CA ASN A 303 -15.09 10.57 4.26
C ASN A 303 -15.51 11.09 2.89
N CYS A 304 -16.61 10.52 2.37
CA CYS A 304 -17.12 10.91 1.05
C CYS A 304 -18.63 10.73 1.09
N ASN A 305 -19.35 11.85 1.30
CA ASN A 305 -20.79 11.80 1.45
C ASN A 305 -21.47 11.52 0.09
N VAL A 306 -22.77 11.22 0.17
CA VAL A 306 -23.61 11.09 -1.01
C VAL A 306 -24.82 12.00 -0.81
N TRP A 307 -25.11 12.81 -1.82
CA TRP A 307 -26.14 13.85 -1.72
C TRP A 307 -27.28 13.55 -2.67
N ASP A 308 -28.50 13.62 -2.16
CA ASP A 308 -29.71 13.52 -3.00
C ASP A 308 -29.82 14.80 -3.82
N ALA A 309 -29.52 14.70 -5.11
CA ALA A 309 -29.48 15.89 -5.96
C ALA A 309 -30.85 16.52 -6.18
N LEU A 310 -31.91 15.97 -5.60
CA LEU A 310 -33.23 16.58 -5.65
C LEU A 310 -33.70 17.04 -4.28
N LYS A 311 -33.73 16.13 -3.30
CA LYS A 311 -34.17 16.49 -1.96
C LYS A 311 -33.15 17.36 -1.22
N ALA A 312 -31.89 17.35 -1.67
CA ALA A 312 -30.81 18.14 -1.07
C ALA A 312 -30.62 17.80 0.40
N ASP A 313 -30.47 16.51 0.69
CA ASP A 313 -30.20 16.04 2.03
C ASP A 313 -29.25 14.86 1.98
N ARG A 314 -28.63 14.56 3.13
CA ARG A 314 -27.71 13.44 3.21
C ARG A 314 -28.46 12.12 3.13
N ALA A 315 -27.79 11.12 2.56
CA ALA A 315 -28.35 9.78 2.45
C ALA A 315 -27.38 8.67 2.82
N GLY A 316 -26.13 9.02 3.14
CA GLY A 316 -25.15 8.02 3.52
C GLY A 316 -23.74 8.57 3.55
N VAL A 317 -22.83 7.86 4.21
CA VAL A 317 -21.43 8.27 4.31
C VAL A 317 -20.56 7.11 3.88
N LEU A 318 -19.67 7.35 2.92
CA LEU A 318 -18.70 6.35 2.48
C LEU A 318 -17.39 6.52 3.23
N ALA A 319 -17.50 6.53 4.56
CA ALA A 319 -16.34 6.74 5.43
C ALA A 319 -15.54 5.44 5.52
N GLY A 320 -14.53 5.32 4.66
CA GLY A 320 -13.68 4.15 4.66
C GLY A 320 -12.24 4.47 4.37
N HIS A 321 -11.88 5.75 4.44
CA HIS A 321 -10.54 6.22 4.11
C HIS A 321 -9.87 6.79 5.34
N ASP A 322 -8.54 6.70 5.38
CA ASP A 322 -7.74 7.18 6.49
C ASP A 322 -7.14 8.55 6.23
N ASN A 323 -7.51 9.20 5.14
CA ASN A 323 -7.02 10.54 4.82
C ASN A 323 -8.05 11.23 3.94
N ARG A 324 -7.72 12.44 3.49
CA ARG A 324 -8.63 13.20 2.65
C ARG A 324 -8.69 12.60 1.25
N VAL A 325 -9.91 12.48 0.72
CA VAL A 325 -10.10 11.99 -0.64
C VAL A 325 -9.80 13.12 -1.62
N SER A 326 -9.28 12.76 -2.79
CA SER A 326 -8.99 13.71 -3.84
C SER A 326 -9.71 13.44 -5.15
N CYS A 327 -10.44 12.33 -5.26
CA CYS A 327 -11.17 12.01 -6.48
C CYS A 327 -12.28 11.03 -6.14
N LEU A 328 -13.40 11.15 -6.86
CA LEU A 328 -14.55 10.28 -6.66
C LEU A 328 -15.28 10.18 -8.01
N GLY A 329 -15.02 9.10 -8.74
CA GLY A 329 -15.64 8.93 -10.03
C GLY A 329 -16.63 7.78 -10.07
N VAL A 330 -17.75 7.99 -10.76
CA VAL A 330 -18.80 6.98 -10.90
C VAL A 330 -18.67 6.35 -12.28
N THR A 331 -18.86 5.02 -12.35
CA THR A 331 -18.73 4.31 -13.62
C THR A 331 -19.74 4.83 -14.64
N ASP A 332 -19.42 4.64 -15.91
CA ASP A 332 -20.31 5.06 -16.99
C ASP A 332 -21.62 4.30 -16.95
N ASP A 333 -21.61 3.07 -16.46
CA ASP A 333 -22.82 2.26 -16.32
C ASP A 333 -23.47 2.41 -14.95
N GLY A 334 -22.91 3.24 -14.07
CA GLY A 334 -23.45 3.41 -12.74
C GLY A 334 -23.19 2.27 -11.80
N MET A 335 -22.30 1.34 -12.14
CA MET A 335 -22.09 0.15 -11.32
C MET A 335 -21.36 0.49 -10.02
N ALA A 336 -20.33 1.31 -10.08
CA ALA A 336 -19.45 1.51 -8.95
C ALA A 336 -18.99 2.96 -8.88
N VAL A 337 -18.37 3.31 -7.75
CA VAL A 337 -17.76 4.61 -7.54
C VAL A 337 -16.35 4.39 -6.98
N ALA A 338 -15.37 5.07 -7.56
CA ALA A 338 -13.98 4.91 -7.19
C ALA A 338 -13.51 6.15 -6.42
N THR A 339 -13.24 5.99 -5.13
CA THR A 339 -12.78 7.06 -4.27
C THR A 339 -11.30 6.85 -3.96
N GLY A 340 -10.44 7.65 -4.58
CA GLY A 340 -9.01 7.55 -4.34
C GLY A 340 -8.50 8.61 -3.40
N SER A 341 -8.24 8.24 -2.15
CA SER A 341 -7.85 9.20 -1.12
C SER A 341 -6.33 9.35 -1.07
N TRP A 342 -5.87 10.20 -0.16
CA TRP A 342 -4.45 10.49 -0.02
C TRP A 342 -3.67 9.33 0.62
N ASP A 343 -4.36 8.34 1.19
CA ASP A 343 -3.71 7.21 1.83
C ASP A 343 -3.34 6.11 0.85
N SER A 344 -3.31 6.41 -0.46
CA SER A 344 -2.86 5.55 -1.54
C SER A 344 -3.84 4.41 -1.87
N PHE A 345 -4.93 4.26 -1.13
CA PHE A 345 -5.86 3.17 -1.33
C PHE A 345 -7.06 3.68 -2.12
N LEU A 346 -7.16 3.26 -3.38
CA LEU A 346 -8.32 3.53 -4.22
C LEU A 346 -9.31 2.39 -4.05
N LYS A 347 -10.47 2.69 -3.46
CA LYS A 347 -11.49 1.70 -3.16
C LYS A 347 -12.63 1.80 -4.14
N ILE A 348 -13.02 0.67 -4.73
CA ILE A 348 -14.10 0.61 -5.70
C ILE A 348 -15.36 0.23 -4.92
N TRP A 349 -16.07 1.23 -4.42
CA TRP A 349 -17.30 0.99 -3.68
C TRP A 349 -18.43 0.59 -4.64
N ASN A 350 -19.57 0.20 -4.08
CA ASN A 350 -20.72 -0.19 -4.88
C ASN A 350 -21.92 -0.25 -3.95
N SER B 18 -9.88 -19.21 -14.55
CA SER B 18 -8.57 -18.72 -14.96
C SER B 18 -8.08 -19.44 -16.22
N ALA B 19 -8.64 -19.06 -17.36
CA ALA B 19 -8.23 -19.66 -18.63
C ALA B 19 -6.95 -19.00 -19.15
N GLU B 20 -7.00 -17.70 -19.44
CA GLU B 20 -5.82 -16.91 -19.71
C GLU B 20 -5.64 -15.79 -18.72
N GLU B 21 -6.54 -15.65 -17.75
CA GLU B 21 -6.37 -14.68 -16.67
C GLU B 21 -5.22 -15.06 -15.74
N ARG B 22 -4.69 -16.28 -15.84
CA ARG B 22 -3.50 -16.63 -15.07
C ARG B 22 -2.33 -15.74 -15.45
N ALA B 23 -2.14 -15.52 -16.75
CA ALA B 23 -1.08 -14.60 -17.19
C ALA B 23 -1.41 -13.16 -16.81
N ALA B 24 -2.70 -12.82 -16.72
CA ALA B 24 -3.07 -11.48 -16.24
C ALA B 24 -2.65 -11.28 -14.79
N LEU B 25 -2.91 -12.28 -13.94
CA LEU B 25 -2.44 -12.21 -12.55
C LEU B 25 -0.92 -12.20 -12.49
N GLU B 26 -0.26 -12.96 -13.36
CA GLU B 26 1.20 -12.96 -13.37
C GLU B 26 1.76 -11.58 -13.73
N ARG B 27 1.18 -10.94 -14.75
CA ARG B 27 1.59 -9.59 -15.12
C ARG B 27 1.32 -8.60 -13.98
N SER B 28 0.16 -8.74 -13.33
CA SER B 28 -0.16 -7.87 -12.20
C SER B 28 0.87 -8.02 -11.08
N LYS B 29 1.24 -9.27 -10.77
CA LYS B 29 2.23 -9.49 -9.71
C LYS B 29 3.59 -8.96 -10.11
N ALA B 30 4.00 -9.14 -11.37
CA ALA B 30 5.29 -8.66 -11.81
C ALA B 30 5.38 -7.14 -11.74
N ILE B 31 4.33 -6.45 -12.22
CA ILE B 31 4.37 -5.00 -12.18
C ILE B 31 4.12 -4.46 -10.77
N GLU B 32 3.45 -5.22 -9.90
CA GLU B 32 3.34 -4.82 -8.51
C GLU B 32 4.70 -4.93 -7.80
N LYS B 33 5.46 -5.98 -8.13
CA LYS B 33 6.82 -6.09 -7.61
C LYS B 33 7.68 -4.94 -8.12
N ASN B 34 7.52 -4.57 -9.40
CA ASN B 34 8.25 -3.42 -9.94
C ASN B 34 7.85 -2.14 -9.22
N LEU B 35 6.56 -1.96 -8.96
CA LEU B 35 6.09 -0.78 -8.23
C LEU B 35 6.68 -0.73 -6.82
N LYS B 36 6.71 -1.87 -6.14
CA LYS B 36 7.27 -1.91 -4.80
C LYS B 36 8.76 -1.60 -4.81
N GLU B 37 9.49 -2.14 -5.80
CA GLU B 37 10.92 -1.85 -5.90
C GLU B 37 11.15 -0.37 -6.16
N ASP B 38 10.36 0.23 -7.06
CA ASP B 38 10.51 1.65 -7.34
C ASP B 38 10.15 2.49 -6.12
N GLY B 39 9.13 2.08 -5.37
CA GLY B 39 8.75 2.83 -4.18
C GLY B 39 9.80 2.77 -3.09
N ILE B 40 10.41 1.61 -2.89
CA ILE B 40 11.45 1.50 -1.87
C ILE B 40 12.77 2.10 -2.36
N SER B 41 12.94 2.26 -3.67
CA SER B 41 14.11 2.97 -4.17
C SER B 41 13.90 4.48 -4.19
N ALA B 42 12.64 4.93 -4.15
CA ALA B 42 12.35 6.35 -4.10
C ALA B 42 12.29 6.90 -2.69
N ALA B 43 12.33 6.03 -1.67
CA ALA B 43 12.39 6.49 -0.29
C ALA B 43 13.80 6.85 0.13
N LYS B 44 14.80 6.45 -0.66
CA LYS B 44 16.18 6.83 -0.37
C LYS B 44 16.36 8.34 -0.50
N ASP B 45 15.75 8.95 -1.51
CA ASP B 45 15.91 10.38 -1.75
C ASP B 45 15.22 11.19 -0.66
N VAL B 46 15.77 12.37 -0.38
CA VAL B 46 15.25 13.30 0.60
C VAL B 46 14.64 14.49 -0.12
N LYS B 47 13.41 14.84 0.24
CA LYS B 47 12.70 15.94 -0.40
C LYS B 47 12.90 17.22 0.40
N LEU B 48 13.31 18.28 -0.29
CA LEU B 48 13.59 19.58 0.33
C LEU B 48 12.90 20.66 -0.47
N LEU B 49 11.71 21.07 -0.04
CA LEU B 49 11.02 22.19 -0.67
C LEU B 49 11.83 23.47 -0.49
N LEU B 50 12.01 24.21 -1.57
CA LEU B 50 12.80 25.43 -1.58
C LEU B 50 11.88 26.59 -1.87
N LEU B 51 11.93 27.62 -1.02
CA LEU B 51 11.04 28.76 -1.16
C LEU B 51 11.80 30.08 -1.06
N GLY B 52 11.07 31.19 -1.00
CA GLY B 52 11.68 32.50 -0.90
C GLY B 52 11.09 33.51 -1.85
N ALA B 53 11.56 34.75 -1.79
CA ALA B 53 11.09 35.78 -2.69
C ALA B 53 11.71 35.61 -4.07
N ASP B 54 11.17 36.34 -5.05
CA ASP B 54 11.69 36.29 -6.40
C ASP B 54 13.10 36.88 -6.44
N ASN B 55 14.03 36.15 -7.06
CA ASN B 55 15.43 36.55 -7.16
C ASN B 55 16.03 36.85 -5.78
N SER B 56 15.75 35.98 -4.81
CA SER B 56 16.21 36.12 -3.44
C SER B 56 17.32 35.13 -3.11
N GLY B 57 18.21 34.88 -4.08
CA GLY B 57 19.29 33.95 -3.86
C GLY B 57 18.88 32.49 -3.83
N LYS B 58 17.74 32.16 -4.45
CA LYS B 58 17.26 30.78 -4.43
C LYS B 58 18.21 29.85 -5.17
N SER B 59 18.79 30.31 -6.28
CA SER B 59 19.67 29.49 -7.11
C SER B 59 21.13 29.88 -6.96
N THR B 60 21.54 30.29 -5.75
CA THR B 60 22.93 30.63 -5.49
C THR B 60 23.39 30.10 -4.12
N ILE B 61 22.79 29.02 -3.65
CA ILE B 61 23.06 28.50 -2.31
C ILE B 61 23.95 27.26 -2.36
N VAL B 62 23.64 26.30 -3.24
CA VAL B 62 24.35 25.03 -3.29
C VAL B 62 25.01 24.84 -4.64
N LYS B 63 25.44 25.94 -5.27
CA LYS B 63 25.97 25.88 -6.63
C LYS B 63 27.25 25.05 -6.73
N GLN B 64 27.91 24.77 -5.60
CA GLN B 64 29.03 23.83 -5.63
C GLN B 64 28.57 22.42 -5.99
N MET B 65 27.31 22.11 -5.77
CA MET B 65 26.69 20.86 -6.20
C MET B 65 25.45 21.23 -7.02
N LYS B 66 24.60 20.22 -7.29
CA LYS B 66 23.29 20.40 -7.91
C LYS B 66 23.39 20.75 -9.38
N ILE B 67 22.43 20.28 -10.17
CA ILE B 67 22.42 20.49 -11.61
C ILE B 67 21.31 21.45 -12.00
N THR B 79 9.32 26.26 -16.37
CA THR B 79 8.31 27.31 -16.30
C THR B 79 7.46 27.12 -15.04
N GLY B 80 7.15 25.87 -14.71
CA GLY B 80 6.41 25.57 -13.51
C GLY B 80 7.33 25.24 -12.35
N ILE B 81 7.31 23.99 -11.90
CA ILE B 81 8.22 23.56 -10.84
C ILE B 81 9.56 23.20 -11.45
N VAL B 82 10.62 23.45 -10.70
CA VAL B 82 11.98 23.10 -11.11
C VAL B 82 12.56 22.17 -10.04
N GLU B 83 12.93 20.97 -10.45
CA GLU B 83 13.46 19.95 -9.54
C GLU B 83 14.95 19.81 -9.77
N THR B 84 15.72 19.85 -8.68
CA THR B 84 17.17 19.72 -8.73
C THR B 84 17.61 18.67 -7.72
N HIS B 85 18.59 17.86 -8.09
CA HIS B 85 19.06 16.77 -7.26
C HIS B 85 20.58 16.76 -7.19
N PHE B 86 21.11 16.45 -6.01
CA PHE B 86 22.55 16.32 -5.82
C PHE B 86 22.81 15.33 -4.69
N THR B 87 24.02 14.77 -4.70
CA THR B 87 24.43 13.76 -3.74
C THR B 87 25.52 14.33 -2.83
N PHE B 88 25.33 14.21 -1.52
CA PHE B 88 26.27 14.73 -0.54
C PHE B 88 26.31 13.78 0.66
N LYS B 89 27.44 13.08 0.81
CA LYS B 89 27.69 12.20 1.95
C LYS B 89 26.60 11.12 2.07
N ASN B 90 26.43 10.38 0.98
CA ASN B 90 25.48 9.27 0.90
C ASN B 90 24.08 9.78 1.25
N LEU B 91 23.61 10.72 0.44
CA LEU B 91 22.23 11.22 0.53
C LEU B 91 21.86 11.85 -0.79
N HIS B 92 20.70 11.48 -1.32
CA HIS B 92 20.17 12.07 -2.55
C HIS B 92 19.10 13.08 -2.16
N PHE B 93 19.35 14.35 -2.46
CA PHE B 93 18.46 15.44 -2.05
C PHE B 93 17.61 15.86 -3.24
N ARG B 94 16.30 15.81 -3.07
CA ARG B 94 15.35 16.28 -4.07
C ARG B 94 14.97 17.71 -3.70
N LEU B 95 15.52 18.67 -4.44
CA LEU B 95 15.41 20.10 -4.11
C LEU B 95 14.43 20.73 -5.09
N PHE B 96 13.16 20.78 -4.71
CA PHE B 96 12.10 21.29 -5.57
C PHE B 96 12.11 22.81 -5.53
N ASP B 97 12.84 23.41 -6.48
CA ASP B 97 12.86 24.87 -6.63
C ASP B 97 11.56 25.28 -7.30
N VAL B 98 10.52 25.45 -6.47
CA VAL B 98 9.17 25.70 -6.96
C VAL B 98 8.97 27.20 -7.16
N GLY B 99 10.07 27.96 -7.09
CA GLY B 99 9.98 29.41 -7.20
C GLY B 99 9.48 29.91 -8.53
N GLY B 100 9.44 29.07 -9.56
CA GLY B 100 8.94 29.47 -10.85
C GLY B 100 7.45 29.45 -11.02
N GLN B 101 6.69 29.03 -10.00
CA GLN B 101 5.24 28.96 -10.07
C GLN B 101 4.66 30.30 -9.64
N ARG B 102 4.15 31.06 -10.61
CA ARG B 102 3.54 32.36 -10.33
C ARG B 102 2.01 32.20 -10.27
N SER B 103 1.57 31.53 -9.21
CA SER B 103 0.16 31.26 -8.99
C SER B 103 -0.11 31.31 -7.49
N GLU B 104 -1.30 30.87 -7.10
CA GLU B 104 -1.68 30.88 -5.68
C GLU B 104 -0.92 29.80 -4.93
N ARG B 105 -0.36 30.16 -3.77
CA ARG B 105 0.37 29.20 -2.96
C ARG B 105 -0.55 28.15 -2.35
N LYS B 106 -1.77 28.53 -1.99
CA LYS B 106 -2.64 27.65 -1.21
C LYS B 106 -3.06 26.41 -2.00
N LYS B 107 -3.29 26.55 -3.30
CA LYS B 107 -3.93 25.49 -4.07
C LYS B 107 -2.99 24.34 -4.45
N TRP B 108 -1.68 24.51 -4.32
CA TRP B 108 -0.74 23.44 -4.64
C TRP B 108 0.30 23.21 -3.56
N ILE B 109 0.14 23.80 -2.37
CA ILE B 109 1.11 23.59 -1.30
C ILE B 109 0.87 22.30 -0.53
N HIS B 110 -0.32 21.70 -0.65
CA HIS B 110 -0.56 20.41 -0.01
C HIS B 110 0.14 19.27 -0.72
N CYS B 111 0.62 19.48 -1.95
CA CYS B 111 1.40 18.46 -2.64
C CYS B 111 2.76 18.24 -1.99
N PHE B 112 3.18 19.15 -1.10
CA PHE B 112 4.45 19.04 -0.39
C PHE B 112 4.23 18.78 1.10
N GLU B 113 3.14 18.07 1.44
CA GLU B 113 2.87 17.79 2.85
C GLU B 113 3.93 16.87 3.44
N ASP B 114 4.41 15.90 2.65
CA ASP B 114 5.38 14.91 3.11
C ASP B 114 6.83 15.32 2.84
N VAL B 115 7.12 16.62 2.82
CA VAL B 115 8.47 17.08 2.58
C VAL B 115 9.28 16.96 3.86
N THR B 116 10.57 16.62 3.71
CA THR B 116 11.43 16.44 4.88
C THR B 116 11.68 17.78 5.59
N ALA B 117 12.09 18.80 4.83
CA ALA B 117 12.41 20.09 5.42
C ALA B 117 12.30 21.18 4.36
N ILE B 118 11.68 22.29 4.74
CA ILE B 118 11.52 23.44 3.86
C ILE B 118 12.75 24.33 3.98
N ILE B 119 13.39 24.61 2.84
CA ILE B 119 14.54 25.50 2.78
C ILE B 119 14.05 26.87 2.33
N PHE B 120 14.07 27.83 3.25
CA PHE B 120 13.59 29.18 2.98
C PHE B 120 14.79 30.10 2.82
N CYS B 121 14.82 30.84 1.72
CA CYS B 121 15.91 31.76 1.42
C CYS B 121 15.39 33.20 1.45
N VAL B 122 16.13 34.08 2.12
CA VAL B 122 15.79 35.48 2.22
C VAL B 122 17.00 36.32 1.83
N ASP B 123 16.81 37.27 0.94
CA ASP B 123 17.87 38.19 0.55
C ASP B 123 17.87 39.38 1.51
N LEU B 124 19.03 39.66 2.10
CA LEU B 124 19.16 40.74 3.07
C LEU B 124 19.61 42.05 2.44
N SER B 125 19.73 42.11 1.11
CA SER B 125 20.11 43.33 0.42
C SER B 125 18.92 44.20 0.06
N ASP B 126 17.70 43.75 0.33
CA ASP B 126 16.51 44.51 -0.01
C ASP B 126 16.03 45.34 1.18
N HIS B 131 9.76 43.04 3.72
CA HIS B 131 8.47 42.80 4.36
C HIS B 131 7.71 41.68 3.64
N GLU B 132 7.97 41.54 2.34
CA GLU B 132 7.32 40.47 1.58
C GLU B 132 7.85 39.10 1.98
N SER B 133 9.17 38.99 2.15
CA SER B 133 9.75 37.72 2.60
C SER B 133 9.30 37.39 4.02
N LEU B 134 9.18 38.41 4.88
CA LEU B 134 8.67 38.18 6.23
C LEU B 134 7.23 37.67 6.19
N MET B 135 6.39 38.26 5.33
CA MET B 135 5.02 37.80 5.20
C MET B 135 4.96 36.37 4.68
N LEU B 136 5.81 36.04 3.70
CA LEU B 136 5.83 34.68 3.17
C LEU B 136 6.27 33.69 4.24
N PHE B 137 7.28 34.05 5.04
CA PHE B 137 7.73 33.18 6.11
C PHE B 137 6.64 32.99 7.16
N ASP B 138 5.92 34.07 7.50
CA ASP B 138 4.82 33.96 8.44
C ASP B 138 3.74 33.02 7.91
N SER B 139 3.42 33.14 6.62
CA SER B 139 2.37 32.31 6.04
C SER B 139 2.79 30.85 5.92
N ILE B 140 4.09 30.59 5.68
CA ILE B 140 4.52 29.22 5.42
C ILE B 140 4.93 28.49 6.69
N CYS B 141 5.43 29.19 7.71
CA CYS B 141 5.85 28.54 8.94
C CYS B 141 4.68 28.16 9.83
N ASN B 142 3.50 28.76 9.61
CA ASN B 142 2.29 28.42 10.34
C ASN B 142 1.25 27.76 9.46
N ASN B 143 1.66 27.22 8.32
CA ASN B 143 0.73 26.56 7.42
C ASN B 143 0.15 25.31 8.06
N LYS B 144 -1.06 24.94 7.61
CA LYS B 144 -1.75 23.82 8.22
C LYS B 144 -1.01 22.50 7.97
N PHE B 145 -0.41 22.36 6.80
CA PHE B 145 0.29 21.13 6.44
C PHE B 145 1.74 21.09 6.90
N PHE B 146 2.26 22.19 7.46
CA PHE B 146 3.65 22.29 7.88
C PHE B 146 3.76 22.53 9.38
N ILE B 147 2.89 21.86 10.16
CA ILE B 147 2.94 22.03 11.60
C ILE B 147 4.18 21.37 12.19
N ASP B 148 4.55 20.19 11.68
CA ASP B 148 5.65 19.41 12.23
C ASP B 148 6.81 19.28 11.25
N THR B 149 6.95 20.22 10.33
CA THR B 149 8.02 20.22 9.34
C THR B 149 8.95 21.39 9.63
N SER B 150 10.22 21.09 9.93
CA SER B 150 11.19 22.12 10.22
C SER B 150 11.42 23.00 9.00
N ILE B 151 11.47 24.31 9.21
CA ILE B 151 11.64 25.27 8.13
C ILE B 151 12.99 25.93 8.24
N ILE B 152 13.98 25.40 7.50
CA ILE B 152 15.31 26.01 7.49
C ILE B 152 15.22 27.41 6.88
N LEU B 153 16.13 28.28 7.29
CA LEU B 153 16.17 29.66 6.81
C LEU B 153 17.59 30.04 6.45
N PHE B 154 17.77 30.63 5.27
CA PHE B 154 19.07 31.03 4.77
C PHE B 154 19.09 32.55 4.57
N LEU B 155 19.58 33.28 5.56
CA LEU B 155 19.80 34.71 5.42
C LEU B 155 20.97 34.93 4.45
N ASN B 156 20.66 35.34 3.23
CA ASN B 156 21.65 35.42 2.17
C ASN B 156 22.10 36.87 1.98
N LYS B 157 23.07 37.07 1.10
CA LYS B 157 23.63 38.39 0.77
C LYS B 157 24.19 39.07 2.03
N LYS B 158 25.19 38.42 2.62
CA LYS B 158 25.81 38.97 3.82
C LYS B 158 26.58 40.24 3.52
N ASP B 159 27.44 40.21 2.50
CA ASP B 159 28.26 41.38 2.18
C ASP B 159 27.39 42.54 1.71
N LEU B 160 26.39 42.27 0.86
CA LEU B 160 25.51 43.32 0.39
C LEU B 160 24.74 43.94 1.54
N PHE B 161 24.25 43.11 2.47
CA PHE B 161 23.56 43.64 3.65
C PHE B 161 24.49 44.48 4.50
N GLY B 162 25.74 44.04 4.67
CA GLY B 162 26.69 44.83 5.43
C GLY B 162 26.96 46.20 4.81
N GLU B 163 27.16 46.23 3.50
CA GLU B 163 27.37 47.52 2.82
C GLU B 163 26.13 48.40 2.91
N LYS B 164 24.94 47.81 2.76
CA LYS B 164 23.71 48.58 2.85
C LYS B 164 23.55 49.17 4.25
N ILE B 165 23.86 48.39 5.29
CA ILE B 165 23.78 48.90 6.65
C ILE B 165 24.80 50.02 6.86
N LYS B 166 26.02 49.84 6.36
CA LYS B 166 27.05 50.87 6.50
C LYS B 166 26.69 52.13 5.72
N LYS B 167 25.84 52.02 4.70
CA LYS B 167 25.43 53.18 3.92
C LYS B 167 24.03 53.68 4.24
N SER B 168 23.12 52.79 4.66
CA SER B 168 21.74 53.15 4.95
C SER B 168 21.32 52.50 6.26
N PRO B 169 20.47 53.18 7.05
CA PRO B 169 20.02 52.58 8.30
C PRO B 169 18.89 51.58 8.08
N LEU B 170 18.78 50.65 9.04
CA LEU B 170 17.78 49.60 8.96
C LEU B 170 16.36 50.10 9.15
N THR B 171 16.18 51.37 9.53
CA THR B 171 14.84 51.92 9.70
C THR B 171 14.04 51.86 8.40
N ILE B 172 14.71 51.90 7.25
CA ILE B 172 14.01 51.83 5.97
C ILE B 172 13.25 50.53 5.85
N CYS B 173 13.89 49.41 6.20
CA CYS B 173 13.23 48.11 6.16
C CYS B 173 12.55 47.77 7.48
N PHE B 174 13.10 48.21 8.61
CA PHE B 174 12.55 47.92 9.94
C PHE B 174 12.41 49.24 10.69
N PRO B 175 11.30 49.95 10.49
CA PRO B 175 11.10 51.22 11.21
C PRO B 175 11.10 51.08 12.73
N GLU B 176 10.62 49.94 13.26
CA GLU B 176 10.57 49.74 14.69
C GLU B 176 11.91 49.33 15.29
N TYR B 177 12.92 49.08 14.46
CA TYR B 177 14.25 48.74 14.97
C TYR B 177 14.81 49.88 15.80
N THR B 178 15.34 49.55 16.98
CA THR B 178 15.89 50.54 17.91
C THR B 178 17.22 50.00 18.44
N GLY B 179 18.31 50.39 17.77
CA GLY B 179 19.63 49.98 18.17
C GLY B 179 20.71 50.52 17.25
N PRO B 180 21.97 50.28 17.60
CA PRO B 180 23.07 50.72 16.74
C PRO B 180 23.02 50.03 15.39
N ASN B 181 23.51 50.73 14.37
CA ASN B 181 23.46 50.24 12.99
C ASN B 181 24.83 49.65 12.62
N THR B 182 24.99 48.37 12.91
CA THR B 182 26.18 47.63 12.52
C THR B 182 25.75 46.29 11.92
N TYR B 183 26.74 45.46 11.58
CA TYR B 183 26.44 44.20 10.91
C TYR B 183 25.84 43.18 11.87
N GLU B 184 26.56 42.84 12.95
CA GLU B 184 26.19 41.69 13.76
C GLU B 184 24.85 41.89 14.46
N ASP B 185 24.66 43.04 15.11
CA ASP B 185 23.43 43.25 15.86
C ASP B 185 22.21 43.34 14.94
N ALA B 186 22.34 44.01 13.79
CA ALA B 186 21.23 44.09 12.86
C ALA B 186 20.89 42.71 12.28
N ALA B 187 21.92 41.92 11.95
CA ALA B 187 21.67 40.57 11.46
C ALA B 187 20.97 39.73 12.52
N ALA B 188 21.40 39.84 13.78
CA ALA B 188 20.76 39.10 14.86
C ALA B 188 19.30 39.55 15.03
N TYR B 189 19.05 40.85 14.92
CA TYR B 189 17.68 41.35 15.05
C TYR B 189 16.80 40.82 13.92
N ILE B 190 17.32 40.80 12.69
CA ILE B 190 16.54 40.28 11.56
C ILE B 190 16.26 38.80 11.74
N GLN B 191 17.27 38.04 12.18
CA GLN B 191 17.08 36.61 12.43
C GLN B 191 16.04 36.38 13.51
N ALA B 192 16.09 37.17 14.59
CA ALA B 192 15.10 37.03 15.65
C ALA B 192 13.71 37.40 15.16
N GLN B 193 13.60 38.42 14.30
CA GLN B 193 12.30 38.81 13.76
C GLN B 193 11.71 37.69 12.91
N PHE B 194 12.53 37.05 12.07
CA PHE B 194 12.03 35.90 11.32
C PHE B 194 11.66 34.75 12.22
N GLU B 195 12.48 34.47 13.24
CA GLU B 195 12.23 33.31 14.09
C GLU B 195 10.99 33.50 14.97
N SER B 196 10.71 34.73 15.40
CA SER B 196 9.58 34.98 16.29
C SER B 196 8.23 34.79 15.63
N LYS B 197 8.18 34.70 14.30
CA LYS B 197 6.90 34.46 13.62
C LYS B 197 6.40 33.03 13.79
N ASN B 198 7.23 32.14 14.32
CA ASN B 198 6.79 30.79 14.63
C ASN B 198 5.80 30.83 15.80
N ARG B 199 4.79 29.95 15.74
CA ARG B 199 3.80 29.86 16.80
C ARG B 199 3.61 28.44 17.31
N SER B 200 4.27 27.44 16.71
CA SER B 200 4.16 26.07 17.15
C SER B 200 5.51 25.60 17.68
N PRO B 201 5.62 25.24 18.96
CA PRO B 201 6.91 24.79 19.50
C PRO B 201 7.32 23.39 19.05
N ASN B 202 6.52 22.74 18.20
CA ASN B 202 6.87 21.42 17.67
C ASN B 202 7.87 21.49 16.53
N LYS B 203 8.20 22.68 16.05
CA LYS B 203 9.15 22.86 14.97
C LYS B 203 10.21 23.87 15.39
N GLU B 204 11.40 23.72 14.80
CA GLU B 204 12.50 24.65 15.04
C GLU B 204 13.02 25.17 13.71
N ILE B 205 13.30 26.47 13.66
CA ILE B 205 13.82 27.12 12.46
C ILE B 205 15.33 27.10 12.53
N TYR B 206 15.96 26.43 11.57
CA TYR B 206 17.42 26.27 11.56
C TYR B 206 18.03 27.44 10.80
N CYS B 207 18.04 28.60 11.47
CA CYS B 207 18.53 29.81 10.86
C CYS B 207 20.01 29.70 10.52
N HIS B 208 20.42 30.34 9.44
CA HIS B 208 21.81 30.32 9.01
C HIS B 208 22.10 31.58 8.21
N MET B 209 23.38 31.92 8.12
CA MET B 209 23.85 33.09 7.39
C MET B 209 24.91 32.66 6.39
N THR B 210 24.81 33.19 5.16
CA THR B 210 25.75 32.86 4.10
C THR B 210 26.19 34.14 3.40
N CYS B 211 27.41 34.11 2.85
CA CYS B 211 27.99 35.25 2.16
C CYS B 211 27.91 35.11 0.65
N ALA B 212 26.98 34.29 0.14
CA ALA B 212 26.74 34.11 -1.28
C ALA B 212 27.94 33.48 -2.00
N THR B 213 28.95 33.09 -1.23
CA THR B 213 30.13 32.43 -1.81
C THR B 213 30.63 31.25 -1.01
N ASP B 214 30.20 31.08 0.24
CA ASP B 214 30.67 29.96 1.05
C ASP B 214 30.03 28.65 0.60
N THR B 215 30.81 27.58 0.67
CA THR B 215 30.33 26.24 0.34
C THR B 215 29.78 25.50 1.56
N ASN B 216 29.71 26.16 2.72
CA ASN B 216 29.25 25.53 3.95
C ASN B 216 27.75 25.23 3.90
N ASN B 217 27.03 25.77 2.91
CA ASN B 217 25.59 25.55 2.85
C ASN B 217 25.25 24.06 2.76
N ALA B 218 26.04 23.30 2.00
CA ALA B 218 25.79 21.87 1.87
C ALA B 218 25.89 21.17 3.21
N GLN B 219 26.91 21.51 4.01
CA GLN B 219 27.07 20.89 5.32
C GLN B 219 25.91 21.24 6.25
N VAL B 220 25.44 22.48 6.21
CA VAL B 220 24.33 22.89 7.06
C VAL B 220 23.06 22.13 6.67
N ILE B 221 22.78 22.06 5.36
CA ILE B 221 21.63 21.31 4.90
C ILE B 221 21.75 19.84 5.32
N PHE B 222 22.96 19.27 5.21
CA PHE B 222 23.16 17.88 5.54
C PHE B 222 22.92 17.62 7.03
N ASP B 223 23.42 18.48 7.91
CA ASP B 223 23.26 18.22 9.34
C ASP B 223 21.82 18.47 9.77
N ALA B 224 21.15 19.47 9.18
CA ALA B 224 19.73 19.67 9.46
C ALA B 224 18.91 18.46 9.01
N VAL B 225 19.23 17.92 7.83
CA VAL B 225 18.51 16.76 7.34
C VAL B 225 18.79 15.54 8.20
N THR B 226 20.02 15.39 8.68
CA THR B 226 20.33 14.30 9.61
C THR B 226 19.52 14.42 10.89
N ASP B 227 19.43 15.64 11.44
CA ASP B 227 18.66 15.84 12.66
C ASP B 227 17.19 15.51 12.46
N ILE B 228 16.60 16.00 11.36
CA ILE B 228 15.18 15.74 11.14
C ILE B 228 14.94 14.27 10.81
N ILE B 229 15.89 13.60 10.15
CA ILE B 229 15.77 12.17 9.88
C ILE B 229 15.79 11.39 11.19
N ILE B 230 16.68 11.76 12.10
CA ILE B 230 16.72 11.10 13.40
C ILE B 230 15.42 11.31 14.15
N ALA B 231 14.88 12.54 14.10
CA ALA B 231 13.62 12.83 14.77
C ALA B 231 12.48 11.98 14.18
N ASN B 232 12.43 11.88 12.85
CA ASN B 232 11.37 11.09 12.21
C ASN B 232 11.51 9.61 12.54
N ASN B 233 12.75 9.10 12.55
CA ASN B 233 12.97 7.70 12.89
C ASN B 233 12.54 7.41 14.32
N LEU B 234 12.85 8.31 15.26
CA LEU B 234 12.40 8.13 16.63
C LEU B 234 10.89 8.24 16.74
N ARG B 235 10.27 9.10 15.92
CA ARG B 235 8.81 9.19 15.92
C ARG B 235 8.19 7.88 15.46
N GLY B 236 8.76 7.26 14.42
CA GLY B 236 8.19 6.04 13.88
C GLY B 236 8.24 4.88 14.86
N CYS B 237 9.34 4.76 15.60
CA CYS B 237 9.52 3.67 16.56
C CYS B 237 8.80 3.91 17.87
N GLY B 238 7.92 4.91 17.94
CA GLY B 238 7.27 5.23 19.20
C GLY B 238 8.24 5.67 20.28
N LEU B 239 9.21 6.51 19.92
CA LEU B 239 10.26 6.93 20.84
C LEU B 239 10.39 8.43 21.00
N TYR B 240 9.98 9.23 20.02
CA TYR B 240 10.06 10.68 20.12
C TYR B 240 8.71 11.27 20.51
N SER C 8 -6.14 49.50 -19.12
CA SER C 8 -7.27 48.88 -18.42
C SER C 8 -8.58 49.20 -19.14
N ILE C 9 -8.54 50.15 -20.07
CA ILE C 9 -9.73 50.51 -20.82
C ILE C 9 -10.18 49.34 -21.69
N ALA C 10 -9.24 48.67 -22.35
CA ALA C 10 -9.58 47.53 -23.20
C ALA C 10 -10.18 46.40 -22.39
N GLN C 11 -9.61 46.12 -21.21
CA GLN C 11 -10.16 45.07 -20.36
C GLN C 11 -11.57 45.41 -19.89
N ALA C 12 -11.80 46.66 -19.51
CA ALA C 12 -13.14 47.08 -19.10
C ALA C 12 -14.13 46.97 -20.25
N ARG C 13 -13.72 47.36 -21.46
CA ARG C 13 -14.60 47.24 -22.61
C ARG C 13 -14.92 45.78 -22.92
N LYS C 14 -13.92 44.89 -22.82
CA LYS C 14 -14.17 43.47 -23.03
C LYS C 14 -15.12 42.91 -21.99
N LEU C 15 -14.95 43.31 -20.72
CA LEU C 15 -15.86 42.86 -19.67
C LEU C 15 -17.27 43.37 -19.92
N VAL C 16 -17.41 44.61 -20.37
CA VAL C 16 -18.73 45.17 -20.68
C VAL C 16 -19.38 44.40 -21.82
N GLU C 17 -18.61 44.09 -22.86
CA GLU C 17 -19.17 43.34 -23.98
C GLU C 17 -19.58 41.93 -23.56
N GLN C 18 -18.76 41.29 -22.72
CA GLN C 18 -19.12 39.97 -22.22
C GLN C 18 -20.39 40.03 -21.38
N LEU C 19 -20.55 41.09 -20.58
CA LEU C 19 -21.76 41.25 -19.80
C LEU C 19 -22.98 41.47 -20.68
N LYS C 20 -22.81 42.25 -21.77
CA LYS C 20 -23.90 42.39 -22.74
C LYS C 20 -24.28 41.04 -23.35
N MET C 21 -23.28 40.25 -23.73
CA MET C 21 -23.56 38.95 -24.33
C MET C 21 -24.25 38.01 -23.35
N GLU C 22 -23.80 38.00 -22.09
CA GLU C 22 -24.38 37.10 -21.11
C GLU C 22 -25.80 37.53 -20.74
N ALA C 23 -26.05 38.84 -20.67
CA ALA C 23 -27.37 39.32 -20.32
C ALA C 23 -28.40 39.03 -21.42
N ASN C 24 -27.95 38.90 -22.66
CA ASN C 24 -28.85 38.63 -23.77
C ASN C 24 -29.22 37.16 -23.88
N ILE C 25 -28.62 36.29 -23.08
CA ILE C 25 -28.92 34.87 -23.14
C ILE C 25 -30.36 34.64 -22.70
N ASP C 26 -31.08 33.83 -23.46
CA ASP C 26 -32.47 33.54 -23.15
C ASP C 26 -32.57 32.74 -21.85
N ARG C 27 -33.55 33.10 -21.02
CA ARG C 27 -33.77 32.44 -19.74
C ARG C 27 -35.22 32.00 -19.64
N ILE C 28 -35.42 30.83 -19.03
CA ILE C 28 -36.75 30.30 -18.79
C ILE C 28 -36.99 30.25 -17.29
N LYS C 29 -38.20 29.86 -16.91
CA LYS C 29 -38.55 29.78 -15.50
C LYS C 29 -37.74 28.67 -14.83
N VAL C 30 -37.34 28.92 -13.58
CA VAL C 30 -36.60 27.91 -12.82
C VAL C 30 -37.48 26.68 -12.58
N SER C 31 -38.80 26.86 -12.55
CA SER C 31 -39.69 25.72 -12.40
C SER C 31 -39.58 24.77 -13.59
N LYS C 32 -39.38 25.31 -14.79
CA LYS C 32 -39.23 24.46 -15.97
C LYS C 32 -37.97 23.61 -15.89
N ALA C 33 -36.85 24.21 -15.48
CA ALA C 33 -35.62 23.44 -15.32
C ALA C 33 -35.75 22.40 -14.20
N ALA C 34 -36.41 22.78 -13.11
CA ALA C 34 -36.65 21.82 -12.02
C ALA C 34 -37.49 20.64 -12.50
N ALA C 35 -38.52 20.92 -13.31
CA ALA C 35 -39.36 19.84 -13.83
C ALA C 35 -38.59 18.97 -14.82
N ASP C 36 -37.71 19.57 -15.63
CA ASP C 36 -36.89 18.78 -16.54
C ASP C 36 -35.98 17.85 -15.78
N LEU C 37 -35.31 18.35 -14.74
CA LEU C 37 -34.48 17.49 -13.90
C LEU C 37 -35.32 16.42 -13.20
N MET C 38 -36.54 16.80 -12.78
CA MET C 38 -37.46 15.84 -12.17
C MET C 38 -37.74 14.68 -13.11
N ALA C 39 -38.13 14.99 -14.35
CA ALA C 39 -38.45 13.95 -15.32
C ALA C 39 -37.23 13.11 -15.65
N TYR C 40 -36.06 13.74 -15.79
CA TYR C 40 -34.86 12.97 -16.11
C TYR C 40 -34.50 12.02 -14.97
N CYS C 41 -34.62 12.47 -13.73
CA CYS C 41 -34.34 11.58 -12.59
C CYS C 41 -35.38 10.47 -12.49
N GLU C 42 -36.64 10.76 -12.83
CA GLU C 42 -37.67 9.74 -12.77
C GLU C 42 -37.52 8.70 -13.88
N ALA C 43 -36.98 9.10 -15.03
CA ALA C 43 -36.89 8.21 -16.18
C ALA C 43 -35.71 7.27 -16.15
N HIS C 44 -34.75 7.47 -15.23
CA HIS C 44 -33.58 6.62 -15.14
C HIS C 44 -33.48 5.92 -13.78
N ALA C 45 -34.56 5.88 -13.01
CA ALA C 45 -34.55 5.21 -11.72
C ALA C 45 -34.31 3.71 -11.88
N LYS C 46 -34.94 3.10 -12.88
CA LYS C 46 -34.81 1.66 -13.10
C LYS C 46 -33.40 1.26 -13.53
N GLU C 47 -32.66 2.15 -14.18
CA GLU C 47 -31.33 1.85 -14.66
C GLU C 47 -30.23 2.42 -13.78
N ASP C 48 -30.55 2.80 -12.54
CA ASP C 48 -29.56 3.33 -11.61
C ASP C 48 -29.24 2.27 -10.57
N PRO C 49 -28.14 1.54 -10.70
CA PRO C 49 -27.82 0.48 -9.74
C PRO C 49 -27.09 0.93 -8.49
N LEU C 50 -27.03 2.23 -8.20
CA LEU C 50 -26.39 2.73 -6.99
C LEU C 50 -27.39 2.99 -5.88
N LEU C 51 -28.48 3.70 -6.17
CA LEU C 51 -29.52 3.91 -5.17
C LEU C 51 -30.38 2.67 -4.96
N THR C 52 -30.61 1.90 -6.02
CA THR C 52 -31.27 0.60 -5.91
C THR C 52 -30.21 -0.48 -5.89
N PRO C 53 -30.07 -1.25 -4.81
CA PRO C 53 -29.05 -2.30 -4.75
C PRO C 53 -29.31 -3.39 -5.79
N VAL C 54 -28.40 -3.49 -6.74
CA VAL C 54 -28.53 -4.51 -7.80
C VAL C 54 -28.35 -5.90 -7.19
N PRO C 55 -29.12 -6.89 -7.60
CA PRO C 55 -28.89 -8.26 -7.10
C PRO C 55 -27.51 -8.77 -7.50
N ALA C 56 -26.95 -9.61 -6.65
CA ALA C 56 -25.59 -10.11 -6.83
C ALA C 56 -25.45 -11.04 -8.03
N SER C 57 -26.55 -11.49 -8.63
CA SER C 57 -26.46 -12.39 -9.78
C SER C 57 -25.74 -11.72 -10.94
N GLU C 58 -26.09 -10.47 -11.24
CA GLU C 58 -25.44 -9.72 -12.32
C GLU C 58 -24.49 -8.66 -11.80
N ASN C 59 -24.24 -8.61 -10.50
CA ASN C 59 -23.32 -7.62 -9.95
C ASN C 59 -21.90 -8.13 -10.09
N PRO C 60 -21.03 -7.46 -10.86
CA PRO C 60 -19.65 -7.95 -11.03
C PRO C 60 -18.74 -7.64 -9.86
N PHE C 61 -19.09 -6.67 -9.02
CA PHE C 61 -18.25 -6.28 -7.89
C PHE C 61 -18.65 -7.11 -6.68
N ARG C 62 -18.20 -8.36 -6.67
CA ARG C 62 -18.51 -9.28 -5.58
C ARG C 62 -17.24 -9.89 -5.01
N ASP D 1 9.42 -2.29 -38.24
CA ASP D 1 8.84 -2.17 -36.91
C ASP D 1 8.98 -3.46 -36.12
N VAL D 2 7.85 -4.10 -35.82
CA VAL D 2 7.87 -5.35 -35.07
C VAL D 2 8.40 -6.47 -35.94
N GLN D 3 9.38 -7.21 -35.42
CA GLN D 3 9.96 -8.33 -36.13
C GLN D 3 10.31 -9.42 -35.13
N LEU D 4 10.04 -10.67 -35.52
CA LEU D 4 10.47 -11.85 -34.75
C LEU D 4 11.17 -12.79 -35.73
N VAL D 5 12.45 -12.53 -35.97
CA VAL D 5 13.26 -13.37 -36.84
C VAL D 5 13.78 -14.56 -36.06
N GLU D 6 14.27 -15.58 -36.76
CA GLU D 6 14.79 -16.77 -36.10
C GLU D 6 15.63 -17.56 -37.10
N SER D 7 16.39 -18.51 -36.58
CA SER D 7 17.23 -19.37 -37.40
C SER D 7 17.53 -20.64 -36.61
N GLY D 8 18.25 -21.56 -37.25
CA GLY D 8 18.62 -22.80 -36.62
C GLY D 8 18.02 -24.03 -37.26
N GLY D 9 17.81 -23.98 -38.57
CA GLY D 9 17.25 -25.11 -39.29
C GLY D 9 18.30 -26.08 -39.76
N GLY D 10 18.13 -26.60 -40.98
CA GLY D 10 19.06 -27.55 -41.55
C GLY D 10 18.72 -28.98 -41.21
N LEU D 11 19.38 -29.90 -41.92
CA LEU D 11 19.14 -31.32 -41.72
C LEU D 11 19.70 -31.76 -40.38
N VAL D 12 18.89 -32.48 -39.60
CA VAL D 12 19.28 -32.98 -38.29
C VAL D 12 19.04 -34.48 -38.27
N GLN D 13 20.08 -35.24 -37.92
CA GLN D 13 19.94 -36.69 -37.80
C GLN D 13 19.01 -37.03 -36.63
N PRO D 14 18.28 -38.14 -36.71
CA PRO D 14 17.38 -38.51 -35.62
C PRO D 14 18.16 -38.74 -34.33
N GLY D 15 17.57 -38.32 -33.22
CA GLY D 15 18.20 -38.44 -31.92
C GLY D 15 19.28 -37.43 -31.64
N GLY D 16 19.49 -36.46 -32.52
CA GLY D 16 20.53 -35.47 -32.33
C GLY D 16 20.07 -34.30 -31.47
N SER D 17 20.80 -33.20 -31.59
CA SER D 17 20.52 -32.00 -30.83
C SER D 17 20.66 -30.77 -31.73
N ARG D 18 19.92 -29.72 -31.38
CA ARG D 18 19.94 -28.48 -32.14
C ARG D 18 19.44 -27.36 -31.23
N LYS D 19 19.78 -26.13 -31.59
CA LYS D 19 19.36 -24.95 -30.85
C LYS D 19 18.52 -24.05 -31.75
N LEU D 20 17.32 -23.71 -31.29
CA LEU D 20 16.43 -22.80 -32.00
C LEU D 20 16.37 -21.49 -31.23
N SER D 21 16.67 -20.38 -31.90
CA SER D 21 16.72 -19.07 -31.27
C SER D 21 15.78 -18.12 -31.99
N CYS D 22 14.94 -17.43 -31.22
CA CYS D 22 14.01 -16.44 -31.73
C CYS D 22 14.53 -15.06 -31.35
N SER D 23 15.01 -14.31 -32.34
CA SER D 23 15.58 -12.98 -32.11
C SER D 23 14.48 -11.94 -32.29
N ALA D 24 13.87 -11.54 -31.18
CA ALA D 24 12.79 -10.56 -31.18
C ALA D 24 13.39 -9.16 -31.06
N SER D 25 13.22 -8.35 -32.10
CA SER D 25 13.76 -7.00 -32.13
C SER D 25 12.69 -6.02 -32.59
N GLY D 26 12.70 -4.83 -32.02
CA GLY D 26 11.79 -3.77 -32.41
C GLY D 26 10.62 -3.53 -31.49
N PHE D 27 10.58 -4.17 -30.33
CA PHE D 27 9.48 -4.00 -29.40
C PHE D 27 9.92 -4.44 -28.01
N ALA D 28 9.04 -4.17 -27.03
CA ALA D 28 9.34 -4.52 -25.64
C ALA D 28 9.22 -6.03 -25.44
N PHE D 29 10.33 -6.75 -25.64
CA PHE D 29 10.29 -8.21 -25.58
C PHE D 29 9.95 -8.72 -24.19
N SER D 30 10.40 -8.03 -23.15
CA SER D 30 10.28 -8.53 -21.79
C SER D 30 8.84 -8.50 -21.26
N SER D 31 7.92 -7.87 -21.97
CA SER D 31 6.52 -7.82 -21.54
C SER D 31 5.63 -8.78 -22.32
N PHE D 32 6.19 -9.60 -23.21
CA PHE D 32 5.44 -10.54 -24.01
C PHE D 32 5.82 -11.97 -23.65
N GLY D 33 4.81 -12.82 -23.46
CA GLY D 33 5.07 -14.23 -23.25
C GLY D 33 5.13 -14.99 -24.56
N MET D 34 6.34 -15.25 -25.05
CA MET D 34 6.51 -15.86 -26.36
C MET D 34 6.06 -17.31 -26.36
N HIS D 35 5.37 -17.70 -27.41
CA HIS D 35 4.96 -19.08 -27.63
C HIS D 35 5.89 -19.74 -28.65
N TRP D 36 5.57 -20.97 -29.03
CA TRP D 36 6.27 -21.67 -30.10
C TRP D 36 5.28 -22.61 -30.76
N VAL D 37 5.05 -22.41 -32.06
CA VAL D 37 4.09 -23.20 -32.82
C VAL D 37 4.76 -23.70 -34.08
N ARG D 38 4.54 -24.97 -34.41
CA ARG D 38 5.11 -25.59 -35.58
C ARG D 38 4.01 -26.03 -36.54
N GLN D 39 4.42 -26.54 -37.70
CA GLN D 39 3.47 -26.96 -38.71
C GLN D 39 4.15 -27.93 -39.66
N ALA D 40 3.59 -29.14 -39.79
CA ALA D 40 4.14 -30.11 -40.72
C ALA D 40 4.04 -29.60 -42.15
N PRO D 41 4.93 -30.04 -43.04
CA PRO D 41 4.91 -29.51 -44.41
C PRO D 41 3.61 -29.78 -45.16
N GLU D 42 2.79 -30.74 -44.72
CA GLU D 42 1.52 -31.01 -45.38
C GLU D 42 0.39 -31.21 -44.38
N LYS D 43 0.48 -30.55 -43.22
CA LYS D 43 -0.54 -30.68 -42.18
C LYS D 43 -0.72 -29.33 -41.49
N GLY D 44 -1.65 -29.29 -40.53
CA GLY D 44 -1.94 -28.06 -39.82
C GLY D 44 -0.92 -27.73 -38.73
N LEU D 45 -1.09 -26.54 -38.17
CA LEU D 45 -0.19 -26.09 -37.12
C LEU D 45 -0.43 -26.87 -35.83
N GLU D 46 0.59 -26.88 -34.98
CA GLU D 46 0.52 -27.56 -33.69
C GLU D 46 1.36 -26.81 -32.68
N TRP D 47 0.84 -26.67 -31.46
CA TRP D 47 1.57 -26.00 -30.39
C TRP D 47 2.79 -26.82 -29.97
N VAL D 48 3.80 -26.13 -29.44
CA VAL D 48 5.02 -26.80 -28.99
C VAL D 48 5.27 -26.49 -27.53
N ALA D 49 5.42 -25.21 -27.20
CA ALA D 49 5.79 -24.81 -25.85
C ALA D 49 5.28 -23.40 -25.59
N TYR D 50 5.64 -22.85 -24.42
CA TYR D 50 5.22 -21.52 -24.02
C TYR D 50 6.06 -21.03 -22.86
N ILE D 51 6.58 -19.81 -22.96
CA ILE D 51 7.33 -19.18 -21.88
C ILE D 51 6.74 -17.79 -21.66
N SER D 52 6.50 -17.45 -20.38
CA SER D 52 5.80 -16.23 -20.05
C SER D 52 6.78 -15.05 -19.98
N SER D 53 6.30 -13.91 -19.51
CA SER D 53 7.14 -12.72 -19.36
C SER D 53 8.02 -12.87 -18.13
N GLY D 54 9.34 -12.83 -18.34
CA GLY D 54 10.27 -13.06 -17.26
C GLY D 54 10.49 -14.51 -16.91
N SER D 55 10.08 -15.44 -17.76
CA SER D 55 10.25 -16.87 -17.56
C SER D 55 9.58 -17.34 -16.26
N GLY D 56 8.44 -16.75 -15.91
CA GLY D 56 7.76 -17.14 -14.69
C GLY D 56 7.25 -18.57 -14.75
N THR D 57 6.59 -18.93 -15.85
CA THR D 57 6.08 -20.28 -16.06
C THR D 57 6.39 -20.72 -17.48
N ILE D 58 6.74 -21.99 -17.64
CA ILE D 58 7.05 -22.57 -18.94
C ILE D 58 6.21 -23.84 -19.10
N TYR D 59 5.36 -23.85 -20.12
CA TYR D 59 4.54 -25.00 -20.45
C TYR D 59 5.12 -25.74 -21.64
N TYR D 60 4.60 -26.95 -21.88
CA TYR D 60 5.03 -27.77 -23.00
C TYR D 60 3.87 -28.62 -23.46
N ALA D 61 3.98 -29.16 -24.68
CA ALA D 61 2.95 -30.02 -25.23
C ALA D 61 3.08 -31.43 -24.66
N ASP D 62 2.09 -32.27 -24.98
CA ASP D 62 2.09 -33.64 -24.49
C ASP D 62 3.28 -34.43 -25.03
N THR D 63 3.57 -34.28 -26.33
CA THR D 63 4.70 -34.95 -26.96
C THR D 63 5.94 -34.07 -27.01
N VAL D 64 6.03 -33.07 -26.14
CA VAL D 64 7.14 -32.12 -26.16
C VAL D 64 7.80 -32.09 -24.78
N LYS D 65 7.03 -32.44 -23.75
CA LYS D 65 7.51 -32.32 -22.38
C LYS D 65 8.78 -33.15 -22.15
N GLY D 66 9.76 -32.54 -21.52
CA GLY D 66 11.01 -33.22 -21.18
C GLY D 66 12.13 -33.09 -22.20
N ARG D 67 11.87 -33.31 -23.48
CA ARG D 67 12.99 -33.32 -24.46
C ARG D 67 13.14 -31.95 -25.13
N PHE D 68 12.26 -31.00 -24.82
CA PHE D 68 12.39 -29.66 -25.37
C PHE D 68 12.56 -28.67 -24.23
N THR D 69 13.42 -27.67 -24.43
CA THR D 69 13.70 -26.66 -23.43
C THR D 69 13.51 -25.28 -24.04
N ILE D 70 12.64 -24.47 -23.43
CA ILE D 70 12.35 -23.11 -23.89
C ILE D 70 12.90 -22.13 -22.86
N SER D 71 13.73 -21.20 -23.32
CA SER D 71 14.35 -20.23 -22.42
C SER D 71 14.45 -18.88 -23.13
N ARG D 72 14.61 -17.83 -22.34
CA ARG D 72 14.75 -16.48 -22.87
C ARG D 72 16.07 -15.86 -22.44
N LYS D 76 18.69 -9.67 -23.50
CA LYS D 76 19.38 -9.84 -24.77
C LYS D 76 18.39 -9.81 -25.93
N ASN D 77 17.10 -9.78 -25.60
CA ASN D 77 16.01 -9.76 -26.58
C ASN D 77 16.11 -10.95 -27.53
N THR D 78 16.01 -12.14 -26.94
CA THR D 78 16.09 -13.38 -27.70
C THR D 78 15.37 -14.49 -26.94
N LEU D 79 14.58 -15.28 -27.66
CA LEU D 79 13.89 -16.43 -27.12
C LEU D 79 14.54 -17.70 -27.67
N PHE D 80 14.85 -18.65 -26.79
CA PHE D 80 15.58 -19.84 -27.16
C PHE D 80 14.69 -21.08 -27.03
N LEU D 81 14.90 -22.03 -27.94
CA LEU D 81 14.31 -23.36 -27.86
C LEU D 81 15.41 -24.38 -28.08
N GLN D 82 15.53 -25.34 -27.18
CA GLN D 82 16.59 -26.33 -27.23
C GLN D 82 16.02 -27.64 -27.78
N MET D 83 16.59 -28.12 -28.88
CA MET D 83 16.12 -29.33 -29.53
C MET D 83 16.97 -30.51 -29.05
N THR D 84 16.34 -31.49 -28.42
CA THR D 84 17.05 -32.68 -27.96
C THR D 84 16.19 -33.91 -28.24
N SER D 85 16.85 -34.99 -28.69
CA SER D 85 16.20 -36.26 -29.02
C SER D 85 15.11 -36.05 -30.06
N LEU D 86 15.53 -35.62 -31.24
CA LEU D 86 14.60 -35.31 -32.32
C LEU D 86 14.09 -36.60 -32.94
N ARG D 87 12.77 -36.81 -32.86
CA ARG D 87 12.13 -37.98 -33.45
C ARG D 87 11.92 -37.75 -34.94
N SER D 88 11.18 -38.65 -35.59
CA SER D 88 10.86 -38.51 -37.00
C SER D 88 9.65 -37.62 -37.25
N GLU D 89 8.92 -37.23 -36.21
CA GLU D 89 7.76 -36.38 -36.34
C GLU D 89 8.06 -34.92 -36.02
N ASP D 90 9.30 -34.59 -35.69
CA ASP D 90 9.64 -33.21 -35.33
C ASP D 90 9.82 -32.30 -36.54
N THR D 91 9.87 -32.86 -37.76
CA THR D 91 10.01 -32.02 -38.93
C THR D 91 8.79 -31.11 -39.09
N ALA D 92 9.04 -29.82 -39.25
CA ALA D 92 8.01 -28.80 -39.31
C ALA D 92 8.67 -27.45 -39.55
N MET D 93 7.85 -26.42 -39.72
CA MET D 93 8.29 -25.03 -39.75
C MET D 93 7.92 -24.39 -38.41
N TYR D 94 8.93 -23.85 -37.72
CA TYR D 94 8.76 -23.37 -36.35
C TYR D 94 8.49 -21.88 -36.37
N TYR D 95 7.40 -21.45 -35.75
CA TYR D 95 6.98 -20.06 -35.73
C TYR D 95 7.10 -19.51 -34.32
N CYS D 96 7.79 -18.38 -34.18
CA CYS D 96 7.90 -17.68 -32.91
C CYS D 96 6.76 -16.67 -32.80
N VAL D 97 5.90 -16.86 -31.80
CA VAL D 97 4.67 -16.09 -31.68
C VAL D 97 4.67 -15.36 -30.34
N ARG D 98 4.66 -14.04 -30.40
CA ARG D 98 4.51 -13.22 -29.20
C ARG D 98 3.05 -13.19 -28.76
N SER D 99 2.83 -12.84 -27.50
CA SER D 99 1.49 -12.78 -26.95
C SER D 99 1.53 -12.05 -25.62
N ILE D 100 0.53 -11.19 -25.39
CA ILE D 100 0.37 -10.48 -24.13
C ILE D 100 -1.05 -10.72 -23.63
N TYR D 101 -1.20 -10.79 -22.30
CA TYR D 101 -2.48 -11.16 -21.68
C TYR D 101 -2.84 -10.14 -20.60
N TYR D 102 -3.54 -9.07 -21.02
CA TYR D 102 -4.23 -8.19 -20.09
C TYR D 102 -5.63 -7.94 -20.64
N TYR D 103 -6.40 -7.09 -19.97
CA TYR D 103 -7.75 -6.80 -20.42
C TYR D 103 -7.70 -6.14 -21.80
N GLY D 104 -8.40 -6.74 -22.76
CA GLY D 104 -8.43 -6.19 -24.10
C GLY D 104 -7.20 -6.47 -24.92
N SER D 105 -6.34 -7.39 -24.48
CA SER D 105 -5.11 -7.68 -25.19
C SER D 105 -5.41 -8.43 -26.49
N SER D 106 -4.37 -8.58 -27.30
CA SER D 106 -4.44 -9.25 -28.60
C SER D 106 -3.39 -10.36 -28.63
N PRO D 107 -3.67 -11.50 -28.00
CA PRO D 107 -2.70 -12.59 -27.98
C PRO D 107 -2.41 -13.10 -29.38
N PHE D 108 -1.19 -13.59 -29.58
CA PHE D 108 -0.75 -14.13 -30.86
C PHE D 108 -0.89 -13.09 -31.97
N ASP D 109 -0.60 -11.82 -31.63
CA ASP D 109 -0.77 -10.73 -32.58
C ASP D 109 0.18 -10.86 -33.77
N PHE D 110 1.46 -11.06 -33.49
CA PHE D 110 2.48 -11.12 -34.53
C PHE D 110 3.16 -12.48 -34.51
N TRP D 111 3.23 -13.12 -35.69
CA TRP D 111 3.86 -14.40 -35.86
C TRP D 111 5.19 -14.24 -36.58
N GLY D 112 6.21 -14.94 -36.11
CA GLY D 112 7.51 -14.89 -36.74
C GLY D 112 7.50 -15.47 -38.15
N GLN D 113 8.54 -15.12 -38.91
CA GLN D 113 8.63 -15.59 -40.28
C GLN D 113 8.74 -17.11 -40.36
N GLY D 114 9.53 -17.71 -39.48
CA GLY D 114 9.59 -19.16 -39.42
C GLY D 114 10.80 -19.72 -40.13
N THR D 115 11.30 -20.84 -39.59
CA THR D 115 12.40 -21.57 -40.17
C THR D 115 12.03 -23.05 -40.22
N THR D 116 12.48 -23.73 -41.28
CA THR D 116 12.14 -25.13 -41.50
C THR D 116 13.13 -26.04 -40.79
N LEU D 117 12.60 -27.00 -40.04
CA LEU D 117 13.38 -28.04 -39.39
C LEU D 117 13.00 -29.37 -40.00
N THR D 118 14.00 -30.17 -40.37
CA THR D 118 13.76 -31.45 -41.04
C THR D 118 14.55 -32.55 -40.34
N VAL D 119 14.01 -33.77 -40.42
CA VAL D 119 14.63 -34.95 -39.82
C VAL D 119 14.78 -36.01 -40.91
N SER D 120 15.73 -36.91 -40.69
CA SER D 120 16.00 -37.98 -41.65
C SER D 120 15.84 -39.35 -40.99
N GLY D 135 -4.63 -37.83 -24.84
CA GLY D 135 -5.89 -37.50 -25.50
C GLY D 135 -6.86 -36.76 -24.61
N SER D 136 -6.36 -36.23 -23.50
CA SER D 136 -7.19 -35.49 -22.56
C SER D 136 -7.36 -34.02 -22.93
N ASP D 137 -6.72 -33.57 -24.00
CA ASP D 137 -6.81 -32.17 -24.41
C ASP D 137 -8.13 -31.92 -25.16
N ILE D 138 -8.43 -30.64 -25.34
CA ILE D 138 -9.59 -30.23 -26.12
C ILE D 138 -9.19 -30.24 -27.59
N VAL D 139 -9.86 -31.07 -28.39
CA VAL D 139 -9.52 -31.22 -29.79
C VAL D 139 -10.33 -30.23 -30.62
N MET D 140 -9.71 -29.71 -31.68
CA MET D 140 -10.35 -28.79 -32.61
C MET D 140 -10.65 -29.54 -33.89
N THR D 141 -11.91 -29.47 -34.34
CA THR D 141 -12.36 -30.21 -35.51
C THR D 141 -12.94 -29.25 -36.54
N GLN D 142 -12.37 -29.24 -37.73
CA GLN D 142 -12.92 -28.53 -38.88
C GLN D 142 -13.33 -29.58 -39.91
N ALA D 143 -14.60 -29.99 -39.86
CA ALA D 143 -15.08 -31.03 -40.77
C ALA D 143 -14.94 -30.58 -42.23
N THR D 144 -15.30 -29.33 -42.51
CA THR D 144 -15.06 -28.79 -43.85
C THR D 144 -13.57 -28.58 -44.06
N SER D 145 -13.09 -28.96 -45.25
CA SER D 145 -11.68 -28.83 -45.58
C SER D 145 -11.42 -27.92 -46.77
N SER D 146 -12.40 -27.65 -47.61
CA SER D 146 -12.23 -26.77 -48.76
C SER D 146 -13.57 -26.18 -49.16
N VAL D 147 -13.65 -24.86 -49.15
CA VAL D 147 -14.86 -24.13 -49.55
C VAL D 147 -14.52 -23.33 -50.80
N PRO D 148 -14.97 -23.78 -51.98
CA PRO D 148 -14.62 -23.08 -53.23
C PRO D 148 -15.53 -21.89 -53.45
N VAL D 149 -14.95 -20.69 -53.46
CA VAL D 149 -15.69 -19.45 -53.66
C VAL D 149 -14.92 -18.58 -54.65
N THR D 150 -15.67 -17.68 -55.30
CA THR D 150 -15.20 -16.71 -56.26
C THR D 150 -15.01 -15.35 -55.60
N PRO D 151 -14.11 -14.51 -56.10
CA PRO D 151 -13.91 -13.20 -55.48
C PRO D 151 -15.19 -12.36 -55.53
N GLY D 152 -15.41 -11.61 -54.44
CA GLY D 152 -16.60 -10.80 -54.30
C GLY D 152 -17.79 -11.51 -53.69
N GLU D 153 -17.70 -12.83 -53.48
CA GLU D 153 -18.77 -13.59 -52.87
C GLU D 153 -18.65 -13.58 -51.35
N SER D 154 -19.69 -14.09 -50.70
CA SER D 154 -19.73 -14.21 -49.24
C SER D 154 -19.49 -15.65 -48.86
N VAL D 155 -18.48 -15.89 -48.01
CA VAL D 155 -18.08 -17.23 -47.62
C VAL D 155 -18.03 -17.31 -46.10
N SER D 156 -18.05 -18.54 -45.60
CA SER D 156 -17.97 -18.81 -44.17
C SER D 156 -17.17 -20.07 -43.93
N ILE D 157 -16.29 -20.03 -42.94
CA ILE D 157 -15.46 -21.16 -42.55
C ILE D 157 -15.88 -21.56 -41.13
N SER D 158 -16.36 -22.79 -40.99
CA SER D 158 -16.92 -23.27 -39.72
C SER D 158 -15.95 -24.23 -39.06
N CYS D 159 -15.67 -23.99 -37.78
CA CYS D 159 -14.83 -24.86 -36.97
C CYS D 159 -15.59 -25.23 -35.71
N ARG D 160 -15.51 -26.51 -35.33
CA ARG D 160 -16.23 -27.03 -34.19
C ARG D 160 -15.29 -27.27 -33.02
N SER D 161 -15.89 -27.45 -31.84
CA SER D 161 -15.14 -27.62 -30.60
C SER D 161 -15.59 -28.89 -29.89
N SER D 162 -14.66 -29.54 -29.20
CA SER D 162 -14.99 -30.72 -28.43
C SER D 162 -15.77 -30.37 -27.17
N LYS D 163 -15.36 -29.30 -26.48
CA LYS D 163 -16.02 -28.84 -25.28
C LYS D 163 -16.24 -27.34 -25.39
N SER D 164 -17.29 -26.85 -24.72
CA SER D 164 -17.64 -25.44 -24.78
C SER D 164 -16.48 -24.56 -24.34
N LEU D 165 -16.21 -23.51 -25.11
CA LEU D 165 -15.10 -22.61 -24.84
C LEU D 165 -15.50 -21.36 -24.08
N LEU D 166 -16.80 -21.04 -24.04
CA LEU D 166 -17.26 -19.85 -23.33
C LEU D 166 -17.07 -20.03 -21.83
N HIS D 167 -16.10 -19.31 -21.26
CA HIS D 167 -15.79 -19.43 -19.85
C HIS D 167 -16.87 -18.72 -19.03
N SER D 168 -16.71 -18.77 -17.70
CA SER D 168 -17.70 -18.17 -16.80
C SER D 168 -17.76 -16.66 -16.95
N ASN D 169 -16.61 -16.01 -17.19
CA ASN D 169 -16.57 -14.56 -17.31
C ASN D 169 -17.24 -14.05 -18.58
N GLY D 170 -17.60 -14.93 -19.50
CA GLY D 170 -18.25 -14.54 -20.74
C GLY D 170 -17.35 -14.49 -21.95
N ASN D 171 -16.04 -14.68 -21.78
CA ASN D 171 -15.10 -14.67 -22.90
C ASN D 171 -14.95 -16.07 -23.45
N THR D 172 -15.16 -16.22 -24.75
CA THR D 172 -14.94 -17.48 -25.45
C THR D 172 -13.59 -17.42 -26.17
N TYR D 173 -12.80 -18.48 -26.02
CA TYR D 173 -11.44 -18.50 -26.55
C TYR D 173 -11.44 -19.33 -27.84
N LEU D 174 -11.83 -18.68 -28.93
CA LEU D 174 -11.80 -19.28 -30.28
C LEU D 174 -11.10 -18.29 -31.19
N TYR D 175 -9.77 -18.35 -31.20
CA TYR D 175 -8.97 -17.46 -32.02
C TYR D 175 -8.96 -17.94 -33.46
N TRP D 176 -8.99 -16.99 -34.41
CA TRP D 176 -9.00 -17.29 -35.83
C TRP D 176 -7.72 -16.78 -36.47
N PHE D 177 -7.05 -17.64 -37.22
CA PHE D 177 -5.80 -17.31 -37.89
C PHE D 177 -5.90 -17.60 -39.38
N LEU D 178 -5.34 -16.72 -40.18
CA LEU D 178 -5.29 -16.87 -41.63
C LEU D 178 -3.83 -17.01 -42.06
N GLN D 179 -3.55 -18.03 -42.87
CA GLN D 179 -2.21 -18.26 -43.41
C GLN D 179 -2.29 -18.23 -44.92
N ARG D 180 -1.79 -17.14 -45.51
CA ARG D 180 -1.66 -17.08 -46.96
C ARG D 180 -0.57 -18.02 -47.43
N PRO D 181 -0.65 -18.50 -48.68
CA PRO D 181 0.37 -19.43 -49.17
C PRO D 181 1.75 -18.79 -49.17
N GLY D 182 2.69 -19.43 -48.48
CA GLY D 182 4.03 -18.91 -48.37
C GLY D 182 4.20 -17.75 -47.42
N GLN D 183 3.26 -17.54 -46.50
CA GLN D 183 3.32 -16.44 -45.56
C GLN D 183 3.01 -16.96 -44.16
N SER D 184 3.55 -16.27 -43.16
CA SER D 184 3.30 -16.63 -41.77
C SER D 184 1.85 -16.31 -41.41
N PRO D 185 1.27 -17.06 -40.47
CA PRO D 185 -0.11 -16.79 -40.06
C PRO D 185 -0.23 -15.43 -39.38
N GLN D 186 -1.41 -14.84 -39.50
CA GLN D 186 -1.70 -13.56 -38.88
C GLN D 186 -3.06 -13.62 -38.21
N LEU D 187 -3.15 -13.05 -37.01
CA LEU D 187 -4.41 -13.04 -36.28
C LEU D 187 -5.45 -12.21 -37.03
N LEU D 188 -6.66 -12.76 -37.14
CA LEU D 188 -7.76 -12.08 -37.81
C LEU D 188 -8.92 -11.80 -36.86
N ILE D 189 -9.36 -12.79 -36.09
CA ILE D 189 -10.44 -12.63 -35.13
C ILE D 189 -10.03 -13.36 -33.85
N TYR D 190 -9.92 -12.62 -32.75
CA TYR D 190 -9.57 -13.19 -31.47
C TYR D 190 -10.77 -13.10 -30.53
N ARG D 191 -10.96 -14.13 -29.72
CA ARG D 191 -12.10 -14.30 -28.82
C ARG D 191 -13.43 -14.43 -29.57
N MET D 192 -13.36 -14.76 -30.86
CA MET D 192 -14.52 -15.12 -31.68
C MET D 192 -15.46 -13.94 -31.93
N SER D 193 -15.18 -12.80 -31.31
CA SER D 193 -15.98 -11.61 -31.55
C SER D 193 -15.14 -10.39 -31.89
N ASN D 194 -13.98 -10.23 -31.24
CA ASN D 194 -13.13 -9.07 -31.48
C ASN D 194 -12.29 -9.28 -32.74
N LEU D 195 -11.79 -8.16 -33.27
CA LEU D 195 -11.05 -8.16 -34.53
C LEU D 195 -9.68 -7.52 -34.32
N ALA D 196 -8.65 -8.17 -34.85
CA ALA D 196 -7.29 -7.75 -34.59
C ALA D 196 -6.93 -6.49 -35.37
N SER D 197 -5.89 -5.81 -34.90
CA SER D 197 -5.45 -4.58 -35.54
C SER D 197 -4.83 -4.87 -36.90
N GLY D 198 -5.06 -3.96 -37.85
CA GLY D 198 -4.53 -4.11 -39.20
C GLY D 198 -5.31 -5.06 -40.08
N VAL D 199 -6.46 -5.55 -39.64
CA VAL D 199 -7.28 -6.50 -40.39
C VAL D 199 -8.49 -5.75 -40.93
N PRO D 200 -8.75 -5.80 -42.24
CA PRO D 200 -9.93 -5.13 -42.78
C PRO D 200 -11.21 -5.75 -42.24
N ASP D 201 -12.27 -4.94 -42.21
CA ASP D 201 -13.55 -5.37 -41.68
C ASP D 201 -14.24 -6.43 -42.54
N ARG D 202 -13.62 -6.88 -43.62
CA ARG D 202 -14.19 -7.95 -44.42
C ARG D 202 -14.34 -9.23 -43.61
N PHE D 203 -13.31 -9.57 -42.83
CA PHE D 203 -13.38 -10.72 -41.95
C PHE D 203 -14.18 -10.39 -40.69
N SER D 204 -15.06 -11.29 -40.29
CA SER D 204 -15.90 -11.06 -39.12
C SER D 204 -16.14 -12.39 -38.41
N GLY D 205 -15.83 -12.43 -37.11
CA GLY D 205 -16.05 -13.63 -36.33
C GLY D 205 -17.51 -13.85 -35.99
N SER D 206 -17.80 -15.09 -35.57
CA SER D 206 -19.15 -15.49 -35.22
C SER D 206 -19.06 -16.70 -34.31
N GLY D 207 -20.19 -17.37 -34.10
CA GLY D 207 -20.24 -18.57 -33.30
C GLY D 207 -20.55 -18.29 -31.83
N SER D 208 -21.12 -19.31 -31.17
CA SER D 208 -21.49 -19.18 -29.78
C SER D 208 -21.64 -20.57 -29.17
N GLY D 209 -21.06 -20.75 -27.98
CA GLY D 209 -21.21 -21.98 -27.23
C GLY D 209 -20.27 -23.11 -27.64
N THR D 210 -20.58 -23.77 -28.74
CA THR D 210 -19.77 -24.91 -29.19
C THR D 210 -19.27 -24.78 -30.61
N ALA D 211 -20.09 -24.26 -31.53
CA ALA D 211 -19.72 -24.13 -32.93
C ALA D 211 -19.38 -22.69 -33.24
N PHE D 212 -18.34 -22.49 -34.04
CA PHE D 212 -17.87 -21.16 -34.41
C PHE D 212 -17.65 -21.08 -35.90
N THR D 213 -17.91 -19.91 -36.48
CA THR D 213 -17.70 -19.65 -37.90
C THR D 213 -16.98 -18.32 -38.06
N LEU D 214 -16.12 -18.25 -39.07
CA LEU D 214 -15.40 -17.03 -39.42
C LEU D 214 -16.02 -16.49 -40.70
N THR D 215 -17.08 -15.70 -40.55
CA THR D 215 -17.78 -15.15 -41.71
C THR D 215 -16.89 -14.17 -42.47
N ILE D 216 -16.96 -14.23 -43.80
CA ILE D 216 -16.22 -13.34 -44.68
C ILE D 216 -17.23 -12.58 -45.52
N SER D 217 -17.12 -11.25 -45.53
CA SER D 217 -17.99 -10.39 -46.32
C SER D 217 -17.18 -9.77 -47.44
N ARG D 218 -17.69 -9.90 -48.67
CA ARG D 218 -17.03 -9.38 -49.88
C ARG D 218 -15.59 -9.91 -49.97
N LEU D 219 -15.49 -11.24 -50.10
CA LEU D 219 -14.19 -11.90 -50.13
C LEU D 219 -13.37 -11.40 -51.31
N GLU D 220 -12.13 -11.03 -51.04
CA GLU D 220 -11.22 -10.45 -52.02
C GLU D 220 -10.16 -11.49 -52.44
N ALA D 221 -9.24 -11.04 -53.29
CA ALA D 221 -8.18 -11.93 -53.77
C ALA D 221 -7.08 -12.13 -52.74
N GLU D 222 -7.03 -11.31 -51.69
CA GLU D 222 -6.04 -11.45 -50.64
C GLU D 222 -6.52 -12.29 -49.47
N ASP D 223 -7.78 -12.74 -49.48
CA ASP D 223 -8.34 -13.53 -48.41
C ASP D 223 -8.19 -15.03 -48.64
N VAL D 224 -7.65 -15.44 -49.78
CA VAL D 224 -7.50 -16.86 -50.08
C VAL D 224 -6.26 -17.40 -49.36
N GLY D 225 -6.42 -18.57 -48.73
CA GLY D 225 -5.32 -19.18 -48.00
C GLY D 225 -5.79 -20.37 -47.19
N VAL D 226 -5.23 -20.53 -46.00
CA VAL D 226 -5.60 -21.61 -45.09
C VAL D 226 -5.96 -20.99 -43.74
N TYR D 227 -7.09 -21.41 -43.19
CA TYR D 227 -7.58 -20.93 -41.90
C TYR D 227 -7.28 -21.96 -40.83
N TYR D 228 -6.98 -21.50 -39.62
CA TYR D 228 -6.65 -22.37 -38.50
C TYR D 228 -7.36 -21.85 -37.25
N CYS D 229 -8.55 -22.39 -36.97
CA CYS D 229 -9.23 -22.06 -35.73
C CYS D 229 -8.40 -22.53 -34.53
N MET D 230 -8.36 -21.69 -33.50
CA MET D 230 -7.50 -21.91 -32.35
C MET D 230 -8.30 -21.79 -31.07
N GLN D 231 -8.00 -22.67 -30.11
CA GLN D 231 -8.59 -22.59 -28.78
C GLN D 231 -7.54 -22.11 -27.78
N HIS D 232 -8.02 -21.43 -26.74
CA HIS D 232 -7.11 -20.96 -25.69
C HIS D 232 -7.71 -21.14 -24.29
N LEU D 233 -8.72 -21.99 -24.15
CA LEU D 233 -9.33 -22.20 -22.83
C LEU D 233 -8.32 -22.78 -21.85
N GLU D 234 -7.52 -23.74 -22.28
CA GLU D 234 -6.49 -24.31 -21.44
C GLU D 234 -5.45 -24.98 -22.33
N TYR D 235 -4.26 -25.18 -21.77
CA TYR D 235 -3.20 -25.85 -22.49
C TYR D 235 -3.45 -27.35 -22.53
N PRO D 236 -3.02 -28.04 -23.59
CA PRO D 236 -2.26 -27.54 -24.75
C PRO D 236 -3.13 -26.80 -25.76
N LEU D 237 -2.49 -26.00 -26.62
CA LEU D 237 -3.18 -25.18 -27.60
C LEU D 237 -3.34 -25.99 -28.89
N THR D 238 -4.51 -26.61 -29.05
CA THR D 238 -4.77 -27.48 -30.19
C THR D 238 -5.41 -26.68 -31.32
N PHE D 239 -4.77 -26.69 -32.48
CA PHE D 239 -5.27 -25.99 -33.66
C PHE D 239 -6.31 -26.84 -34.39
N GLY D 240 -7.01 -26.19 -35.33
CA GLY D 240 -7.94 -26.90 -36.17
C GLY D 240 -7.26 -27.69 -37.25
N ALA D 241 -8.07 -28.45 -38.00
CA ALA D 241 -7.52 -29.28 -39.07
C ALA D 241 -6.91 -28.42 -40.17
N GLY D 242 -7.56 -27.32 -40.54
CA GLY D 242 -7.06 -26.45 -41.58
C GLY D 242 -7.97 -26.39 -42.80
N THR D 243 -8.64 -25.27 -43.00
CA THR D 243 -9.56 -25.09 -44.11
C THR D 243 -8.89 -24.23 -45.18
N LYS D 244 -8.83 -24.75 -46.41
CA LYS D 244 -8.23 -24.05 -47.54
C LYS D 244 -9.34 -23.41 -48.37
N LEU D 245 -9.41 -22.09 -48.34
CA LEU D 245 -10.42 -21.35 -49.10
C LEU D 245 -9.90 -21.17 -50.53
N GLU D 246 -10.10 -22.21 -51.34
CA GLU D 246 -9.65 -22.18 -52.72
C GLU D 246 -10.50 -21.23 -53.55
N LEU D 247 -9.85 -20.55 -54.49
CA LEU D 247 -10.57 -19.67 -55.40
C LEU D 247 -11.43 -20.48 -56.36
N LYS D 248 -12.63 -19.98 -56.62
CA LYS D 248 -13.59 -20.64 -57.51
C LYS D 248 -13.87 -22.07 -57.09
N LEU E 78 -9.85 -44.44 56.59
CA LEU E 78 -9.44 -43.08 56.91
C LEU E 78 -8.68 -42.46 55.75
N ASN E 79 -9.38 -41.66 54.94
CA ASN E 79 -8.78 -41.03 53.76
C ASN E 79 -8.18 -39.67 54.13
N THR E 80 -7.30 -39.70 55.13
CA THR E 80 -6.53 -38.53 55.56
C THR E 80 -5.06 -38.91 55.63
N PRO E 81 -4.42 -39.16 54.48
CA PRO E 81 -3.03 -39.62 54.51
C PRO E 81 -2.03 -38.49 54.67
N VAL E 82 -1.93 -37.91 55.87
CA VAL E 82 -0.95 -36.87 56.11
C VAL E 82 0.18 -37.38 57.02
N ASP E 83 -0.16 -37.71 58.27
CA ASP E 83 0.76 -38.28 59.26
C ASP E 83 1.88 -37.32 59.63
N LYS E 84 1.97 -36.19 58.94
CA LYS E 84 2.94 -35.15 59.26
C LYS E 84 2.34 -33.78 59.00
N THR E 85 1.01 -33.70 59.01
CA THR E 85 0.27 -32.50 58.62
C THR E 85 0.66 -32.07 57.22
N SER E 86 0.38 -32.92 56.23
CA SER E 86 0.67 -32.63 54.83
C SER E 86 -0.29 -31.58 54.28
N ASN E 87 0.05 -30.32 54.50
CA ASN E 87 -0.85 -29.21 54.16
C ASN E 87 -0.98 -29.07 52.66
N THR E 88 -1.89 -28.17 52.26
CA THR E 88 -2.12 -27.82 50.87
C THR E 88 -1.06 -26.83 50.38
N LEU E 89 -1.32 -26.18 49.25
CA LEU E 89 -0.37 -25.23 48.66
C LEU E 89 -0.12 -24.06 49.60
N ARG E 90 0.83 -23.19 49.25
CA ARG E 90 1.31 -22.17 50.18
C ARG E 90 1.19 -20.77 49.60
N VAL E 91 1.77 -19.79 50.32
CA VAL E 91 1.67 -18.38 49.96
C VAL E 91 2.51 -18.05 48.73
N PRO E 92 3.78 -18.50 48.61
CA PRO E 92 4.49 -18.28 47.36
C PRO E 92 3.78 -18.92 46.17
N ASP E 93 3.19 -20.10 46.41
CA ASP E 93 2.50 -20.81 45.34
C ASP E 93 1.29 -20.03 44.85
N ILE E 94 0.49 -19.49 45.78
CA ILE E 94 -0.70 -18.74 45.37
C ILE E 94 -0.31 -17.42 44.73
N LEU E 95 0.81 -16.83 45.17
CA LEU E 95 1.30 -15.62 44.52
C LEU E 95 1.71 -15.89 43.08
N ALA E 96 2.43 -16.99 42.86
CA ALA E 96 2.78 -17.38 41.49
C ALA E 96 1.54 -17.67 40.67
N LEU E 97 0.53 -18.30 41.29
CA LEU E 97 -0.70 -18.62 40.58
C LEU E 97 -1.44 -17.37 40.15
N VAL E 98 -1.56 -16.39 41.05
CA VAL E 98 -2.29 -15.16 40.70
C VAL E 98 -1.49 -14.36 39.67
N ILE E 99 -0.16 -14.38 39.76
CA ILE E 99 0.64 -13.71 38.74
C ILE E 99 0.43 -14.36 37.37
N PHE E 100 0.40 -15.69 37.33
CA PHE E 100 0.11 -16.40 36.09
C PHE E 100 -1.27 -16.05 35.57
N ALA E 101 -2.26 -15.98 36.45
CA ALA E 101 -3.61 -15.63 36.03
C ALA E 101 -3.68 -14.24 35.44
N VAL E 102 -3.00 -13.27 36.08
CA VAL E 102 -3.00 -11.90 35.57
C VAL E 102 -2.31 -11.84 34.21
N VAL E 103 -1.16 -12.52 34.08
CA VAL E 103 -0.43 -12.51 32.81
C VAL E 103 -1.27 -13.15 31.71
N PHE E 104 -1.93 -14.27 32.00
CA PHE E 104 -2.76 -14.92 30.99
C PHE E 104 -3.95 -14.05 30.61
N LEU E 105 -4.58 -13.41 31.60
CA LEU E 105 -5.74 -12.55 31.32
C LEU E 105 -5.35 -11.37 30.44
N VAL E 106 -4.21 -10.74 30.73
CA VAL E 106 -3.79 -9.61 29.89
C VAL E 106 -3.21 -10.08 28.57
N GLY E 107 -2.77 -11.33 28.48
CA GLY E 107 -2.27 -11.88 27.22
C GLY E 107 -3.37 -12.36 26.30
N VAL E 108 -4.56 -12.59 26.85
CA VAL E 108 -5.73 -12.86 26.00
C VAL E 108 -5.98 -11.66 25.09
N LEU E 109 -5.97 -10.46 25.66
CA LEU E 109 -5.92 -9.23 24.90
C LEU E 109 -4.44 -8.86 24.69
N GLY E 110 -4.17 -7.64 24.25
CA GLY E 110 -2.79 -7.22 24.19
C GLY E 110 -2.04 -7.76 22.98
N ASN E 111 -1.25 -8.81 23.20
CA ASN E 111 -0.42 -9.37 22.13
C ASN E 111 -1.26 -9.74 20.91
N ALA E 112 -2.51 -10.15 21.12
CA ALA E 112 -3.39 -10.42 19.98
C ALA E 112 -3.63 -9.15 19.17
N LEU E 113 -3.90 -8.03 19.84
CA LEU E 113 -4.07 -6.77 19.14
C LEU E 113 -2.78 -6.36 18.44
N VAL E 114 -1.63 -6.57 19.09
CA VAL E 114 -0.36 -6.15 18.51
C VAL E 114 -0.07 -6.96 17.24
N VAL E 115 -0.27 -8.28 17.29
CA VAL E 115 -0.04 -9.09 16.10
C VAL E 115 -1.04 -8.75 15.01
N TRP E 116 -2.27 -8.45 15.39
CA TRP E 116 -3.26 -8.05 14.35
C TRP E 116 -2.76 -6.79 13.66
N VAL E 117 -2.42 -5.76 14.42
CA VAL E 117 -2.05 -4.48 13.80
C VAL E 117 -0.74 -4.60 13.04
N THR E 118 0.17 -5.47 13.49
CA THR E 118 1.43 -5.63 12.78
C THR E 118 1.33 -6.55 11.58
N ALA E 119 0.25 -7.34 11.48
CA ALA E 119 0.05 -8.18 10.31
C ALA E 119 -0.86 -7.50 9.27
N PHE E 120 -2.09 -7.17 9.66
CA PHE E 120 -3.05 -6.63 8.69
C PHE E 120 -2.71 -5.19 8.32
N GLU E 121 -2.37 -4.36 9.31
CA GLU E 121 -2.11 -2.95 9.09
C GLU E 121 -0.63 -2.64 8.97
N ALA E 122 0.22 -3.65 8.87
CA ALA E 122 1.66 -3.43 8.81
C ALA E 122 2.27 -4.54 7.96
N LYS E 123 3.57 -4.76 8.12
CA LYS E 123 4.48 -5.59 7.33
C LYS E 123 4.88 -4.90 6.04
N ARG E 124 4.29 -3.75 5.72
CA ARG E 124 4.80 -2.87 4.67
C ARG E 124 5.77 -1.84 5.21
N THR E 125 5.91 -1.75 6.54
CA THR E 125 6.84 -0.83 7.19
C THR E 125 7.94 -1.63 7.87
N ILE E 126 9.18 -1.19 7.68
CA ILE E 126 10.33 -1.94 8.22
C ILE E 126 10.31 -1.94 9.74
N ASN E 127 9.88 -0.83 10.34
CA ASN E 127 9.88 -0.68 11.79
C ASN E 127 8.75 -1.43 12.49
N ALA E 128 8.04 -2.30 11.77
CA ALA E 128 6.98 -3.11 12.36
C ALA E 128 7.31 -4.60 12.40
N ILE E 129 8.32 -5.04 11.66
CA ILE E 129 8.69 -6.46 11.66
C ILE E 129 9.16 -6.88 13.05
N TRP E 130 10.00 -6.05 13.67
CA TRP E 130 10.49 -6.37 15.01
C TRP E 130 9.35 -6.45 16.01
N PHE E 131 8.41 -5.52 15.94
CA PHE E 131 7.25 -5.55 16.82
C PHE E 131 6.41 -6.79 16.58
N LEU E 132 6.24 -7.17 15.32
CA LEU E 132 5.48 -8.38 15.01
C LEU E 132 6.12 -9.61 15.61
N ASN E 133 7.44 -9.77 15.42
CA ASN E 133 8.13 -10.94 15.98
C ASN E 133 8.09 -10.95 17.50
N LEU E 134 8.31 -9.79 18.12
CA LEU E 134 8.25 -9.73 19.58
C LEU E 134 6.85 -10.07 20.09
N ALA E 135 5.82 -9.55 19.42
CA ALA E 135 4.45 -9.80 19.85
C ALA E 135 4.06 -11.26 19.67
N VAL E 136 4.47 -11.88 18.57
CA VAL E 136 4.12 -13.30 18.37
C VAL E 136 4.89 -14.17 19.37
N ALA E 137 6.14 -13.81 19.68
CA ALA E 137 6.87 -14.56 20.70
C ALA E 137 6.21 -14.43 22.06
N ASP E 138 5.79 -13.22 22.43
CA ASP E 138 5.09 -13.04 23.71
C ASP E 138 3.76 -13.76 23.73
N PHE E 139 3.03 -13.75 22.61
CA PHE E 139 1.76 -14.45 22.54
C PHE E 139 1.93 -15.96 22.71
N LEU E 140 2.96 -16.52 22.07
CA LEU E 140 3.22 -17.95 22.23
C LEU E 140 3.71 -18.27 23.63
N SER E 141 4.44 -17.34 24.26
CA SER E 141 4.81 -17.51 25.66
C SER E 141 3.58 -17.55 26.56
N CYS E 142 2.63 -16.65 26.31
CA CYS E 142 1.44 -16.55 27.14
C CYS E 142 0.41 -17.63 26.86
N LEU E 143 0.46 -18.26 25.68
CA LEU E 143 -0.53 -19.28 25.33
C LEU E 143 -0.36 -20.53 26.17
N ALA E 144 0.88 -20.87 26.53
CA ALA E 144 1.18 -22.08 27.29
C ALA E 144 1.07 -21.88 28.80
N LEU E 145 0.48 -20.78 29.26
CA LEU E 145 0.30 -20.53 30.68
C LEU E 145 -0.69 -21.50 31.34
N PRO E 146 -1.72 -21.99 30.64
CA PRO E 146 -2.53 -23.08 31.24
C PRO E 146 -1.71 -24.29 31.61
N ILE E 147 -0.63 -24.58 30.88
CA ILE E 147 0.24 -25.71 31.24
C ILE E 147 0.85 -25.48 32.61
N LEU E 148 1.43 -24.30 32.83
CA LEU E 148 2.01 -23.97 34.13
C LEU E 148 0.94 -23.95 35.22
N PHE E 149 -0.24 -23.43 34.90
CA PHE E 149 -1.32 -23.40 35.88
C PHE E 149 -1.70 -24.81 36.32
N THR E 150 -1.89 -25.71 35.36
CA THR E 150 -2.24 -27.10 35.69
C THR E 150 -1.12 -27.77 36.47
N SER E 151 0.14 -27.51 36.10
CA SER E 151 1.25 -28.09 36.84
C SER E 151 1.28 -27.59 38.28
N ILE E 152 1.03 -26.30 38.49
CA ILE E 152 1.13 -25.71 39.82
C ILE E 152 -0.01 -26.21 40.70
N VAL E 153 -1.24 -26.22 40.18
CA VAL E 153 -2.40 -26.55 41.02
C VAL E 153 -2.39 -28.00 41.46
N GLN E 154 -1.59 -28.87 40.83
CA GLN E 154 -1.53 -30.28 41.17
C GLN E 154 -0.21 -30.67 41.82
N HIS E 155 0.48 -29.71 42.45
CA HIS E 155 1.75 -29.95 43.14
C HIS E 155 2.80 -30.52 42.18
N HIS E 156 3.03 -29.79 41.09
CA HIS E 156 4.03 -30.15 40.08
C HIS E 156 3.72 -31.49 39.42
N HIS E 157 2.45 -31.88 39.40
CA HIS E 157 2.05 -33.09 38.69
C HIS E 157 2.05 -32.83 37.18
N TRP E 158 2.46 -33.83 36.42
CA TRP E 158 2.57 -33.73 34.96
C TRP E 158 1.75 -34.85 34.32
N PRO E 159 0.46 -34.65 34.10
CA PRO E 159 -0.35 -35.72 33.47
C PRO E 159 0.03 -35.98 32.03
N PHE E 160 0.73 -35.04 31.39
CA PHE E 160 1.15 -35.21 30.00
C PHE E 160 2.25 -36.26 29.91
N GLY E 161 2.48 -36.73 28.68
CA GLY E 161 3.47 -37.76 28.44
C GLY E 161 4.89 -37.22 28.38
N GLY E 162 5.82 -38.14 28.14
CA GLY E 162 7.22 -37.76 28.05
C GLY E 162 7.50 -36.86 26.87
N ALA E 163 6.88 -37.15 25.72
CA ALA E 163 7.06 -36.30 24.54
C ALA E 163 6.51 -34.90 24.79
N ALA E 164 5.36 -34.80 25.46
CA ALA E 164 4.81 -33.49 25.78
C ALA E 164 5.72 -32.73 26.74
N CYS E 165 6.31 -33.44 27.71
CA CYS E 165 7.24 -32.80 28.63
C CYS E 165 8.48 -32.30 27.91
N SER E 166 8.96 -33.06 26.92
CA SER E 166 10.13 -32.64 26.16
C SER E 166 9.81 -31.55 25.14
N ILE E 167 8.54 -31.39 24.77
CA ILE E 167 8.17 -30.44 23.72
C ILE E 167 7.70 -29.12 24.33
N LEU E 168 6.59 -29.15 25.08
CA LEU E 168 5.93 -27.90 25.46
C LEU E 168 6.80 -26.98 26.31
N PRO E 169 7.46 -27.45 27.39
CA PRO E 169 8.43 -26.56 28.06
C PRO E 169 9.54 -26.09 27.14
N SER E 170 10.00 -26.92 26.21
CA SER E 170 11.03 -26.48 25.27
C SER E 170 10.52 -25.35 24.40
N LEU E 171 9.28 -25.47 23.89
CA LEU E 171 8.72 -24.39 23.07
C LEU E 171 8.51 -23.11 23.88
N ILE E 172 8.06 -23.24 25.14
CA ILE E 172 7.82 -22.02 25.91
C ILE E 172 9.15 -21.34 26.25
N LEU E 173 10.21 -22.11 26.52
CA LEU E 173 11.54 -21.52 26.69
C LEU E 173 12.03 -20.90 25.39
N LEU E 174 11.77 -21.54 24.26
CA LEU E 174 12.06 -20.94 22.96
C LEU E 174 11.42 -19.57 22.85
N ASN E 175 10.15 -19.47 23.21
CA ASN E 175 9.45 -18.19 23.10
C ASN E 175 10.01 -17.16 24.08
N MET E 176 10.35 -17.59 25.30
CA MET E 176 10.94 -16.67 26.27
C MET E 176 12.26 -16.09 25.76
N TYR E 177 13.16 -16.97 25.30
CA TYR E 177 14.46 -16.49 24.82
C TYR E 177 14.31 -15.72 23.52
N ALA E 178 13.32 -16.06 22.70
CA ALA E 178 13.04 -15.27 21.50
C ALA E 178 12.59 -13.87 21.88
N SER E 179 11.75 -13.74 22.90
CA SER E 179 11.35 -12.41 23.36
C SER E 179 12.55 -11.61 23.87
N ILE E 180 13.42 -12.26 24.64
CA ILE E 180 14.61 -11.56 25.16
C ILE E 180 15.50 -11.10 24.01
N LEU E 181 15.83 -12.01 23.09
CA LEU E 181 16.69 -11.65 21.98
C LEU E 181 16.04 -10.63 21.06
N LEU E 182 14.70 -10.64 20.96
CA LEU E 182 14.02 -9.66 20.13
C LEU E 182 14.05 -8.28 20.78
N LEU E 183 13.94 -8.23 22.11
CA LEU E 183 14.16 -6.95 22.79
C LEU E 183 15.57 -6.44 22.55
N ALA E 184 16.56 -7.33 22.64
CA ALA E 184 17.95 -6.93 22.42
C ALA E 184 18.16 -6.43 20.99
N THR E 185 17.58 -7.11 19.99
CA THR E 185 17.77 -6.69 18.62
C THR E 185 16.95 -5.45 18.27
N ILE E 186 15.83 -5.23 18.96
CA ILE E 186 15.11 -3.97 18.82
C ILE E 186 15.98 -2.83 19.34
N SER E 187 16.63 -3.03 20.49
CA SER E 187 17.53 -2.01 21.00
C SER E 187 18.69 -1.76 20.04
N ALA E 188 19.24 -2.82 19.46
CA ALA E 188 20.32 -2.65 18.49
C ALA E 188 19.85 -1.90 17.25
N ASP E 189 18.65 -2.22 16.76
CA ASP E 189 18.10 -1.52 15.60
C ASP E 189 17.89 -0.04 15.90
N ARG E 190 17.38 0.28 17.09
CA ARG E 190 17.23 1.68 17.48
C ARG E 190 18.58 2.38 17.57
N PHE E 191 19.59 1.69 18.09
CA PHE E 191 20.93 2.26 18.15
C PHE E 191 21.46 2.58 16.76
N LEU E 192 21.31 1.65 15.81
CA LEU E 192 21.72 1.92 14.44
C LEU E 192 20.94 3.08 13.84
N LEU E 193 19.64 3.14 14.10
CA LEU E 193 18.82 4.23 13.58
C LEU E 193 19.32 5.59 14.09
N VAL E 194 19.62 5.66 15.39
CA VAL E 194 20.02 6.94 15.98
C VAL E 194 21.42 7.33 15.52
N PHE E 195 22.37 6.39 15.57
CA PHE E 195 23.76 6.71 15.31
C PHE E 195 24.16 6.61 13.85
N LYS E 196 23.37 5.92 13.02
CA LYS E 196 23.64 5.81 11.59
C LYS E 196 22.35 6.13 10.84
N PRO E 197 21.93 7.40 10.85
CA PRO E 197 20.64 7.74 10.24
C PRO E 197 20.68 7.74 8.71
N ILE E 198 21.79 8.20 8.14
CA ILE E 198 21.95 8.12 6.69
C ILE E 198 22.15 6.69 6.25
N TRP E 199 22.89 5.90 7.04
CA TRP E 199 23.16 4.51 6.70
C TRP E 199 21.94 3.60 6.92
N CYS E 200 20.98 4.02 7.74
CA CYS E 200 19.75 3.26 7.92
C CYS E 200 18.63 3.72 6.99
N GLN E 201 18.97 4.41 5.91
CA GLN E 201 18.09 4.51 4.76
C GLN E 201 18.45 3.51 3.67
N ASN E 202 19.68 2.98 3.70
CA ASN E 202 20.15 1.93 2.81
C ASN E 202 20.03 0.56 3.45
N PHE E 203 20.54 0.40 4.67
CA PHE E 203 20.43 -0.87 5.37
C PHE E 203 18.97 -1.23 5.66
N ARG E 204 18.14 -0.22 5.89
CA ARG E 204 16.75 -0.46 6.24
C ARG E 204 16.04 -1.22 5.12
N GLY E 205 15.17 -2.15 5.51
CA GLY E 205 14.45 -2.97 4.57
C GLY E 205 13.87 -4.19 5.26
N ALA E 206 12.83 -4.77 4.67
CA ALA E 206 12.23 -5.96 5.27
C ALA E 206 13.22 -7.12 5.32
N GLY E 207 14.14 -7.19 4.36
CA GLY E 207 15.06 -8.30 4.32
C GLY E 207 15.99 -8.34 5.51
N LEU E 208 16.58 -7.19 5.85
CA LEU E 208 17.53 -7.16 6.97
C LEU E 208 16.84 -7.35 8.31
N ALA E 209 15.66 -6.74 8.47
CA ALA E 209 14.89 -6.95 9.71
C ALA E 209 14.50 -8.41 9.87
N TRP E 210 14.05 -9.05 8.78
CA TRP E 210 13.68 -10.46 8.85
C TRP E 210 14.89 -11.33 9.13
N ILE E 211 16.05 -11.00 8.54
CA ILE E 211 17.27 -11.77 8.80
C ILE E 211 17.66 -11.65 10.27
N ALA E 212 17.60 -10.43 10.83
CA ALA E 212 17.95 -10.25 12.23
C ALA E 212 16.99 -10.99 13.15
N CYS E 213 15.69 -10.94 12.84
CA CYS E 213 14.72 -11.66 13.66
C CYS E 213 14.92 -13.17 13.56
N ALA E 214 15.23 -13.67 12.36
CA ALA E 214 15.51 -15.09 12.21
C ALA E 214 16.76 -15.51 12.97
N VAL E 215 17.77 -14.64 12.98
CA VAL E 215 18.98 -14.93 13.76
C VAL E 215 18.66 -14.97 15.25
N ALA E 216 17.82 -14.04 15.71
CA ALA E 216 17.41 -14.05 17.12
C ALA E 216 16.66 -15.33 17.47
N TRP E 217 15.73 -15.75 16.60
CA TRP E 217 15.00 -16.99 16.83
C TRP E 217 15.93 -18.20 16.82
N GLY E 218 16.91 -18.20 15.92
CA GLY E 218 17.87 -19.30 15.88
C GLY E 218 18.74 -19.36 17.11
N LEU E 219 19.14 -18.20 17.63
CA LEU E 219 19.89 -18.17 18.88
C LEU E 219 19.04 -18.67 20.03
N ALA E 220 17.75 -18.30 20.06
CA ALA E 220 16.85 -18.82 21.08
C ALA E 220 16.74 -20.33 20.99
N LEU E 221 16.65 -20.87 19.77
CA LEU E 221 16.58 -22.32 19.60
C LEU E 221 17.87 -22.99 20.04
N LEU E 222 19.01 -22.38 19.73
CA LEU E 222 20.30 -22.94 20.15
C LEU E 222 20.41 -22.97 21.66
N LEU E 223 19.91 -21.94 22.34
CA LEU E 223 19.90 -21.96 23.80
C LEU E 223 18.88 -22.95 24.34
N THR E 224 17.78 -23.19 23.61
CA THR E 224 16.74 -24.08 24.09
C THR E 224 17.13 -25.55 23.94
N ILE E 225 17.95 -25.88 22.94
CA ILE E 225 18.33 -27.25 22.60
C ILE E 225 18.58 -28.13 23.83
N PRO E 226 19.27 -27.66 24.87
CA PRO E 226 19.38 -28.50 26.09
C PRO E 226 18.05 -28.90 26.68
N SER E 227 17.04 -28.02 26.62
CA SER E 227 15.70 -28.41 27.07
C SER E 227 15.12 -29.50 26.19
N PHE E 228 15.33 -29.43 24.88
CA PHE E 228 14.89 -30.49 23.99
C PHE E 228 15.57 -31.82 24.32
N LEU E 229 16.85 -31.78 24.69
CA LEU E 229 17.65 -32.99 24.84
C LEU E 229 17.52 -33.65 26.22
N TYR E 230 17.48 -32.87 27.30
CA TYR E 230 17.65 -33.40 28.65
C TYR E 230 16.36 -33.42 29.47
N ARG E 231 15.19 -33.40 28.84
CA ARG E 231 13.94 -33.50 29.57
C ARG E 231 13.60 -34.97 29.82
N VAL E 232 13.50 -35.34 31.09
CA VAL E 232 13.26 -36.73 31.50
C VAL E 232 12.10 -36.75 32.48
N VAL E 233 11.26 -37.79 32.37
CA VAL E 233 10.10 -37.96 33.22
C VAL E 233 10.44 -38.97 34.31
N ARG E 234 10.13 -38.63 35.56
CA ARG E 234 10.38 -39.51 36.70
C ARG E 234 9.10 -39.67 37.49
N GLU E 235 9.01 -40.78 38.22
CA GLU E 235 7.83 -41.11 39.02
C GLU E 235 8.25 -41.51 40.42
N GLU E 236 7.28 -41.44 41.34
CA GLU E 236 7.49 -41.80 42.74
C GLU E 236 6.84 -43.12 43.12
N TYR E 237 5.77 -43.51 42.42
CA TYR E 237 5.10 -44.81 42.52
C TYR E 237 4.29 -44.97 43.80
N PHE E 238 4.42 -44.05 44.76
CA PHE E 238 3.54 -44.13 45.92
C PHE E 238 2.19 -43.51 45.59
N PRO E 239 2.14 -42.25 45.14
CA PRO E 239 0.87 -41.71 44.64
C PRO E 239 0.78 -41.86 43.14
N PRO E 240 -0.34 -41.45 42.52
CA PRO E 240 -0.36 -41.36 41.06
C PRO E 240 0.40 -40.14 40.55
N LYS E 241 1.09 -39.44 41.45
CA LYS E 241 1.83 -38.24 41.08
C LYS E 241 3.02 -38.59 40.19
N VAL E 242 3.16 -37.85 39.10
CA VAL E 242 4.31 -37.96 38.21
C VAL E 242 4.78 -36.56 37.85
N LEU E 243 6.09 -36.33 37.91
CA LEU E 243 6.68 -35.03 37.63
C LEU E 243 7.92 -35.21 36.76
N CYS E 244 8.16 -34.25 35.87
CA CYS E 244 9.32 -34.28 35.00
C CYS E 244 10.09 -32.97 35.13
N GLY E 245 11.40 -33.08 35.28
CA GLY E 245 12.29 -31.94 35.33
C GLY E 245 13.36 -32.05 34.26
N VAL E 246 14.61 -31.92 34.69
CA VAL E 246 15.76 -32.07 33.80
C VAL E 246 16.75 -33.02 34.47
N ASP E 247 17.31 -33.94 33.68
CA ASP E 247 18.26 -34.93 34.18
C ASP E 247 19.51 -34.89 33.30
N TYR E 248 20.60 -34.37 33.85
CA TYR E 248 21.89 -34.36 33.16
C TYR E 248 22.68 -35.63 33.49
N SER E 249 22.02 -36.79 33.33
CA SER E 249 22.55 -38.10 33.66
C SER E 249 22.83 -38.24 35.15
N HIS E 250 22.53 -37.17 35.91
CA HIS E 250 22.58 -37.17 37.37
C HIS E 250 23.99 -37.30 37.93
N ASP E 251 24.99 -37.50 37.05
CA ASP E 251 26.36 -37.66 37.51
C ASP E 251 27.37 -37.00 36.57
N LYS E 252 26.97 -35.99 35.81
CA LYS E 252 27.85 -35.36 34.84
C LYS E 252 27.95 -33.87 35.11
N ARG E 253 29.10 -33.31 34.76
CA ARG E 253 29.34 -31.86 34.89
C ARG E 253 28.92 -31.17 33.60
N ARG E 254 27.62 -31.24 33.33
CA ARG E 254 27.03 -30.61 32.16
C ARG E 254 26.06 -29.50 32.49
N GLU E 255 25.37 -29.58 33.63
CA GLU E 255 24.43 -28.52 34.00
C GLU E 255 25.14 -27.20 34.25
N ARG E 256 26.39 -27.25 34.71
CA ARG E 256 27.14 -26.00 35.01
C ARG E 256 27.32 -25.22 33.71
N ALA E 257 27.94 -25.84 32.71
CA ALA E 257 28.25 -25.11 31.48
C ALA E 257 27.00 -24.66 30.75
N VAL E 258 25.99 -25.53 30.67
CA VAL E 258 24.74 -25.19 29.99
C VAL E 258 24.05 -24.04 30.71
N ALA E 259 23.98 -24.12 32.04
CA ALA E 259 23.35 -23.05 32.80
C ALA E 259 24.10 -21.74 32.67
N ILE E 260 25.44 -21.79 32.69
CA ILE E 260 26.23 -20.57 32.53
C ILE E 260 25.99 -19.96 31.16
N VAL E 261 25.95 -20.79 30.11
CA VAL E 261 25.75 -20.28 28.77
C VAL E 261 24.37 -19.64 28.64
N ARG E 262 23.33 -20.31 29.15
CA ARG E 262 21.98 -19.73 29.06
C ARG E 262 21.90 -18.44 29.87
N LEU E 263 22.46 -18.44 31.08
CA LEU E 263 22.43 -17.24 31.91
C LEU E 263 23.10 -16.07 31.20
N VAL E 264 24.31 -16.28 30.69
CA VAL E 264 25.00 -15.22 29.97
C VAL E 264 24.16 -14.74 28.80
N LEU E 265 23.92 -15.63 27.83
CA LEU E 265 23.30 -15.25 26.56
C LEU E 265 21.85 -14.80 26.71
N GLY E 266 21.22 -15.00 27.86
CA GLY E 266 19.85 -14.55 28.02
C GLY E 266 19.68 -13.41 29.00
N PHE E 267 20.66 -13.15 29.84
CA PHE E 267 20.45 -12.10 30.83
C PHE E 267 21.58 -11.08 30.90
N LEU E 268 22.82 -11.46 30.58
CA LEU E 268 23.92 -10.52 30.70
C LEU E 268 24.23 -9.84 29.38
N TRP E 269 24.44 -10.61 28.32
CA TRP E 269 24.63 -10.03 27.00
C TRP E 269 23.43 -9.22 26.53
N PRO E 270 22.18 -9.72 26.63
CA PRO E 270 21.04 -8.84 26.31
C PRO E 270 20.98 -7.60 27.19
N LEU E 271 21.29 -7.73 28.48
CA LEU E 271 21.30 -6.56 29.35
C LEU E 271 22.38 -5.57 28.95
N LEU E 272 23.58 -6.07 28.63
CA LEU E 272 24.65 -5.18 28.20
C LEU E 272 24.28 -4.45 26.91
N THR E 273 23.70 -5.18 25.96
CA THR E 273 23.29 -4.55 24.70
C THR E 273 22.22 -3.49 24.95
N LEU E 274 21.20 -3.82 25.73
CA LEU E 274 20.14 -2.86 26.05
C LEU E 274 20.71 -1.63 26.72
N THR E 275 21.53 -1.81 27.75
CA THR E 275 22.05 -0.68 28.51
C THR E 275 22.93 0.20 27.64
N ILE E 276 23.89 -0.41 26.92
CA ILE E 276 24.81 0.38 26.11
C ILE E 276 24.07 1.11 25.00
N CYS E 277 23.19 0.41 24.28
CA CYS E 277 22.48 1.02 23.17
C CYS E 277 21.58 2.16 23.65
N TYR E 278 20.85 1.95 24.74
CA TYR E 278 19.94 2.99 25.20
C TYR E 278 20.67 4.16 25.83
N THR E 279 21.79 3.91 26.52
CA THR E 279 22.59 5.01 27.04
C THR E 279 23.17 5.85 25.91
N PHE E 280 23.69 5.21 24.87
CA PHE E 280 24.20 5.95 23.73
C PHE E 280 23.07 6.70 23.01
N ILE E 281 21.89 6.09 22.93
CA ILE E 281 20.75 6.76 22.31
C ILE E 281 20.36 8.01 23.09
N LEU E 282 20.37 7.93 24.42
CA LEU E 282 20.04 9.10 25.22
C LEU E 282 21.13 10.16 25.14
N LEU E 283 22.39 9.74 25.04
CA LEU E 283 23.49 10.70 24.99
C LEU E 283 23.62 11.36 23.62
N ARG E 284 23.08 10.74 22.57
CA ARG E 284 23.10 11.33 21.24
C ARG E 284 21.84 12.09 20.90
N THR E 285 20.67 11.61 21.35
CA THR E 285 19.42 12.29 21.07
C THR E 285 19.37 13.66 21.76
N TRP E 286 19.83 13.73 23.00
CA TRP E 286 19.82 14.98 23.75
C TRP E 286 21.04 15.85 23.45
N SER E 287 22.01 15.33 22.69
CA SER E 287 23.18 16.12 22.32
C SER E 287 22.77 17.29 21.43
N ARG E 288 21.86 17.07 20.49
CA ARG E 288 21.38 18.09 19.58
C ARG E 288 19.94 18.47 19.93
N ARG E 289 19.59 19.71 19.61
CA ARG E 289 18.26 20.21 19.91
C ARG E 289 17.23 19.59 18.95
N ALA E 290 15.97 19.91 19.19
CA ALA E 290 14.81 19.46 18.41
C ALA E 290 14.62 17.94 18.47
N THR E 291 15.41 17.23 19.27
CA THR E 291 15.25 15.80 19.46
C THR E 291 15.04 15.39 20.91
N ARG E 292 15.40 16.24 21.88
CA ARG E 292 15.21 15.93 23.30
C ARG E 292 13.74 16.14 23.65
N SER E 293 12.95 15.10 23.39
CA SER E 293 11.51 15.14 23.61
C SER E 293 11.09 14.66 24.99
N THR E 294 12.05 14.26 25.83
CA THR E 294 11.82 13.78 27.19
C THR E 294 10.95 12.54 27.26
N LYS E 295 10.64 11.92 26.11
CA LYS E 295 9.96 10.64 26.08
C LYS E 295 10.88 9.48 25.77
N THR E 296 12.00 9.75 25.08
CA THR E 296 13.00 8.71 24.86
C THR E 296 13.56 8.20 26.18
N LEU E 297 13.81 9.10 27.13
CA LEU E 297 14.27 8.68 28.45
C LEU E 297 13.22 7.84 29.16
N LYS E 298 11.95 8.22 29.04
CA LYS E 298 10.88 7.46 29.69
C LYS E 298 10.82 6.03 29.15
N VAL E 299 10.89 5.87 27.83
CA VAL E 299 10.82 4.53 27.25
C VAL E 299 12.08 3.74 27.58
N VAL E 300 13.24 4.40 27.55
CA VAL E 300 14.49 3.73 27.89
C VAL E 300 14.44 3.19 29.32
N VAL E 301 13.97 4.00 30.26
CA VAL E 301 13.86 3.54 31.64
C VAL E 301 12.84 2.41 31.74
N ALA E 302 11.64 2.62 31.19
CA ALA E 302 10.58 1.62 31.32
C ALA E 302 10.90 0.32 30.59
N VAL E 303 11.91 0.32 29.72
CA VAL E 303 12.36 -0.92 29.09
C VAL E 303 13.46 -1.54 29.95
N VAL E 304 14.56 -0.81 30.15
CA VAL E 304 15.75 -1.39 30.77
C VAL E 304 15.48 -1.75 32.22
N ALA E 305 14.93 -0.82 33.00
CA ALA E 305 14.69 -1.08 34.42
C ALA E 305 13.69 -2.21 34.60
N SER E 306 12.61 -2.19 33.82
CA SER E 306 11.59 -3.24 33.92
C SER E 306 12.17 -4.60 33.58
N PHE E 307 12.93 -4.68 32.48
CA PHE E 307 13.52 -5.96 32.08
C PHE E 307 14.49 -6.47 33.14
N PHE E 308 15.36 -5.59 33.65
CA PHE E 308 16.32 -6.00 34.67
C PHE E 308 15.61 -6.50 35.92
N ILE E 309 14.65 -5.71 36.42
CA ILE E 309 13.97 -6.08 37.66
C ILE E 309 13.20 -7.38 37.48
N PHE E 310 12.55 -7.57 36.33
CA PHE E 310 11.67 -8.69 36.12
C PHE E 310 12.40 -9.95 35.67
N TRP E 311 13.68 -9.86 35.29
CA TRP E 311 14.42 -11.03 34.86
C TRP E 311 15.57 -11.41 35.76
N LEU E 312 16.03 -10.51 36.64
CA LEU E 312 17.09 -10.89 37.58
C LEU E 312 16.69 -12.03 38.51
N PRO E 313 15.51 -12.03 39.15
CA PRO E 313 15.20 -13.13 40.08
C PRO E 313 15.19 -14.51 39.43
N TYR E 314 14.53 -14.64 38.26
CA TYR E 314 14.45 -15.94 37.61
C TYR E 314 15.83 -16.44 37.22
N GLN E 315 16.67 -15.57 36.66
CA GLN E 315 17.99 -16.00 36.22
C GLN E 315 18.88 -16.38 37.39
N VAL E 316 18.87 -15.57 38.46
CA VAL E 316 19.72 -15.89 39.60
C VAL E 316 19.25 -17.17 40.28
N THR E 317 17.93 -17.36 40.37
CA THR E 317 17.40 -18.60 40.92
C THR E 317 17.79 -19.80 40.08
N GLY E 318 17.70 -19.67 38.75
CA GLY E 318 18.05 -20.78 37.88
C GLY E 318 19.50 -21.17 37.99
N ILE E 319 20.40 -20.18 37.98
CA ILE E 319 21.82 -20.51 38.06
C ILE E 319 22.18 -21.07 39.42
N MET E 320 21.56 -20.55 40.49
CA MET E 320 21.81 -21.11 41.82
C MET E 320 21.29 -22.53 41.93
N MET E 321 20.11 -22.81 41.38
CA MET E 321 19.57 -24.17 41.37
C MET E 321 20.48 -25.12 40.61
N SER E 322 20.99 -24.68 39.46
CA SER E 322 21.87 -25.55 38.68
C SER E 322 23.18 -25.82 39.42
N PHE E 323 23.71 -24.80 40.08
CA PHE E 323 25.02 -25.05 40.72
C PHE E 323 24.80 -25.84 42.01
N LEU E 324 23.80 -25.48 42.80
CA LEU E 324 23.58 -26.12 44.09
C LEU E 324 23.20 -27.59 43.90
N GLU E 325 23.44 -28.37 44.96
CA GLU E 325 23.10 -29.78 44.97
C GLU E 325 21.59 -29.97 44.96
N PRO E 326 21.11 -31.17 44.57
CA PRO E 326 19.65 -31.40 44.55
C PRO E 326 19.05 -31.56 45.93
N SER E 327 19.80 -31.20 46.98
CA SER E 327 19.35 -31.28 48.35
C SER E 327 19.78 -30.01 49.06
N SER E 328 19.69 -30.03 50.40
CA SER E 328 20.06 -28.95 51.33
C SER E 328 18.98 -27.87 51.36
N PRO E 329 18.80 -27.21 52.51
CA PRO E 329 17.71 -26.22 52.64
C PRO E 329 17.79 -25.06 51.66
N THR E 330 19.00 -24.63 51.28
CA THR E 330 19.11 -23.53 50.32
C THR E 330 18.49 -23.92 48.99
N PHE E 331 18.88 -25.08 48.45
CA PHE E 331 18.29 -25.54 47.20
C PHE E 331 16.82 -25.87 47.35
N LEU E 332 16.39 -26.33 48.53
CA LEU E 332 14.96 -26.57 48.75
C LEU E 332 14.17 -25.26 48.65
N LEU E 333 14.69 -24.19 49.27
CA LEU E 333 14.03 -22.90 49.18
C LEU E 333 14.05 -22.38 47.76
N LEU E 334 15.13 -22.64 47.02
CA LEU E 334 15.17 -22.28 45.61
C LEU E 334 14.09 -23.02 44.83
N LYS E 335 13.89 -24.31 45.12
CA LYS E 335 12.80 -25.05 44.51
C LYS E 335 11.45 -24.40 44.82
N LYS E 336 11.27 -23.98 46.07
CA LYS E 336 10.01 -23.35 46.45
C LYS E 336 9.78 -22.05 45.70
N LEU E 337 10.83 -21.23 45.54
CA LEU E 337 10.70 -19.92 44.94
C LEU E 337 10.87 -19.91 43.42
N ASP E 338 11.16 -21.06 42.80
CA ASP E 338 11.30 -21.09 41.35
C ASP E 338 9.99 -20.70 40.65
N SER E 339 8.86 -21.16 41.17
CA SER E 339 7.58 -20.81 40.57
C SER E 339 7.32 -19.31 40.65
N LEU E 340 7.62 -18.70 41.81
CA LEU E 340 7.47 -17.26 41.94
C LEU E 340 8.40 -16.52 40.98
N CYS E 341 9.62 -17.02 40.82
CA CYS E 341 10.55 -16.40 39.87
C CYS E 341 10.02 -16.48 38.45
N VAL E 342 9.45 -17.63 38.07
CA VAL E 342 8.92 -17.78 36.72
C VAL E 342 7.73 -16.84 36.50
N SER E 343 6.85 -16.73 37.49
CA SER E 343 5.71 -15.82 37.35
C SER E 343 6.16 -14.37 37.24
N PHE E 344 7.12 -13.97 38.08
CA PHE E 344 7.60 -12.61 38.05
C PHE E 344 8.40 -12.34 36.77
N ALA E 345 8.94 -13.38 36.14
CA ALA E 345 9.57 -13.22 34.84
C ALA E 345 8.54 -13.03 33.73
N TYR E 346 7.45 -13.81 33.76
CA TYR E 346 6.36 -13.60 32.81
C TYR E 346 5.63 -12.28 33.04
N ILE E 347 5.83 -11.64 34.20
CA ILE E 347 5.38 -10.27 34.34
C ILE E 347 5.97 -9.40 33.24
N ASN E 348 7.25 -9.58 32.92
CA ASN E 348 7.84 -8.83 31.81
C ASN E 348 7.21 -9.21 30.48
N CYS E 349 6.93 -10.49 30.27
CA CYS E 349 6.29 -10.92 29.03
C CYS E 349 4.94 -10.26 28.84
N CYS E 350 4.17 -10.09 29.92
CA CYS E 350 2.88 -9.45 29.80
C CYS E 350 3.01 -7.94 29.65
N ILE E 351 4.03 -7.34 30.27
CA ILE E 351 4.22 -5.90 30.16
C ILE E 351 4.77 -5.49 28.80
N ASN E 352 5.50 -6.39 28.13
CA ASN E 352 6.19 -6.02 26.89
C ASN E 352 5.30 -5.39 25.82
N PRO E 353 4.10 -5.90 25.50
CA PRO E 353 3.28 -5.21 24.50
C PRO E 353 2.70 -3.90 25.01
N ILE E 354 2.54 -3.73 26.32
CA ILE E 354 1.91 -2.53 26.85
C ILE E 354 2.75 -1.28 26.53
N ILE E 355 4.07 -1.39 26.70
CA ILE E 355 4.92 -0.22 26.48
C ILE E 355 4.94 0.16 25.00
N TYR E 356 4.94 -0.82 24.11
CA TYR E 356 4.96 -0.53 22.67
C TYR E 356 3.58 -0.18 22.14
N VAL E 357 2.52 -0.41 22.91
CA VAL E 357 1.19 0.06 22.54
C VAL E 357 0.95 1.49 23.03
N VAL E 358 1.25 1.76 24.29
CA VAL E 358 1.01 3.09 24.85
C VAL E 358 1.96 4.11 24.24
N ALA E 359 3.25 3.79 24.17
CA ALA E 359 4.21 4.73 23.59
C ALA E 359 4.12 4.77 22.08
N GLY E 360 3.50 3.76 21.47
CA GLY E 360 3.32 3.73 20.03
C GLY E 360 2.15 4.57 19.58
N GLN E 361 2.34 5.90 19.64
CA GLN E 361 1.30 6.75 19.00
C GLN E 361 1.21 6.25 17.55
N GLY E 362 2.24 5.55 17.08
CA GLY E 362 2.14 4.96 15.75
C GLY E 362 1.22 3.75 15.76
N PHE E 363 0.84 3.24 16.94
CA PHE E 363 -0.10 2.10 17.05
C PHE E 363 -1.52 2.64 16.95
N GLN E 364 -1.71 3.88 17.38
CA GLN E 364 -3.06 4.48 17.36
C GLN E 364 -3.50 4.54 15.89
N GLY E 365 -2.57 4.82 14.97
CA GLY E 365 -2.92 4.80 13.54
C GLY E 365 -3.34 3.41 13.09
N ARG E 366 -2.64 2.34 13.51
CA ARG E 366 -3.11 0.99 13.12
C ARG E 366 -4.49 0.71 13.72
N LEU E 367 -4.71 1.14 14.95
CA LEU E 367 -6.02 0.86 15.60
C LEU E 367 -7.13 1.60 14.84
N ARG E 368 -6.87 2.83 14.42
CA ARG E 368 -7.90 3.60 13.69
C ARG E 368 -8.09 3.03 12.28
N LYS E 369 -7.00 2.64 11.62
CA LYS E 369 -7.12 2.16 10.21
C LYS E 369 -7.57 0.70 10.16
N SER E 370 -7.56 -0.01 11.29
CA SER E 370 -8.02 -1.42 11.31
C SER E 370 -9.53 -1.50 11.10
N THR F 1 13.15 -49.58 41.80
CA THR F 1 14.04 -49.99 42.87
C THR F 1 13.52 -49.50 44.22
N LEU F 2 13.24 -48.20 44.31
CA LEU F 2 12.72 -47.64 45.56
C LEU F 2 11.37 -48.22 45.91
N GLN F 3 10.48 -48.36 44.92
CA GLN F 3 9.14 -48.86 45.19
C GLN F 3 9.18 -50.31 45.68
N LYS F 4 10.03 -51.14 45.09
CA LYS F 4 10.13 -52.54 45.52
C LYS F 4 10.67 -52.64 46.94
N LYS F 5 11.70 -51.85 47.26
CA LYS F 5 12.25 -51.86 48.61
C LYS F 5 11.21 -51.37 49.63
N ILE F 6 10.47 -50.31 49.28
CA ILE F 6 9.44 -49.81 50.19
C ILE F 6 8.35 -50.86 50.41
N GLU F 7 7.93 -51.52 49.33
CA GLU F 7 6.91 -52.56 49.45
C GLU F 7 7.38 -53.72 50.31
N GLU F 8 8.62 -54.16 50.11
CA GLU F 8 9.13 -55.28 50.90
C GLU F 8 9.36 -54.89 52.36
N ILE F 9 9.67 -53.62 52.63
CA ILE F 9 9.78 -53.15 54.00
C ILE F 9 8.41 -53.10 54.66
N ALA F 10 7.41 -52.60 53.94
CA ALA F 10 6.05 -52.52 54.49
C ALA F 10 5.46 -53.90 54.72
N ALA F 11 5.78 -54.87 53.85
CA ALA F 11 5.26 -56.22 54.02
C ALA F 11 5.79 -56.91 55.26
N LYS F 12 6.86 -56.40 55.85
CA LYS F 12 7.41 -57.01 57.06
C LYS F 12 6.48 -56.86 58.25
N TYR F 13 5.50 -55.98 58.18
CA TYR F 13 4.54 -55.76 59.25
C TYR F 13 3.21 -56.37 58.87
N LYS F 14 2.63 -57.16 59.78
CA LYS F 14 1.36 -57.85 59.54
C LYS F 14 0.16 -57.04 59.99
N HIS F 15 0.33 -55.76 60.29
CA HIS F 15 -0.75 -54.88 60.72
C HIS F 15 -0.97 -53.81 59.66
N SER F 16 -2.25 -53.59 59.32
CA SER F 16 -2.58 -52.56 58.34
C SER F 16 -2.22 -51.17 58.83
N VAL F 17 -2.20 -50.96 60.15
CA VAL F 17 -1.84 -49.66 60.70
C VAL F 17 -0.41 -49.30 60.34
N VAL F 18 0.53 -50.24 60.52
CA VAL F 18 1.93 -49.99 60.19
C VAL F 18 2.10 -49.89 58.68
N LYS F 19 1.34 -50.68 57.92
CA LYS F 19 1.41 -50.60 56.47
C LYS F 19 1.04 -49.21 55.98
N LYS F 20 -0.08 -48.67 56.47
CA LYS F 20 -0.46 -47.30 56.12
C LYS F 20 0.56 -46.30 56.66
N CYS F 21 1.11 -46.57 57.85
CA CYS F 21 2.10 -45.70 58.46
C CYS F 21 3.29 -45.48 57.52
N CYS F 22 3.85 -46.57 57.01
CA CYS F 22 4.96 -46.44 56.06
C CYS F 22 4.49 -45.90 54.71
N TYR F 23 3.38 -46.44 54.19
CA TYR F 23 2.93 -46.05 52.85
C TYR F 23 2.65 -44.55 52.76
N ASP F 24 2.23 -43.93 53.85
CA ASP F 24 2.04 -42.49 53.87
C ASP F 24 3.28 -41.75 54.32
N GLY F 25 4.12 -42.38 55.14
CA GLY F 25 5.39 -41.78 55.52
C GLY F 25 6.49 -41.89 54.51
N ALA F 26 6.24 -42.58 53.39
CA ALA F 26 7.21 -42.72 52.32
C ALA F 26 7.20 -41.55 51.35
N CYS F 27 6.64 -40.40 51.77
CA CYS F 27 6.61 -39.23 50.91
C CYS F 27 8.02 -38.73 50.62
N VAL F 28 8.19 -38.13 49.46
CA VAL F 28 9.49 -37.66 49.00
C VAL F 28 9.66 -36.16 49.22
N ASN F 29 8.92 -35.59 50.18
CA ASN F 29 9.04 -34.17 50.47
C ASN F 29 10.47 -33.82 50.91
N ASN F 30 10.95 -32.66 50.49
CA ASN F 30 12.31 -32.24 50.72
C ASN F 30 12.53 -31.63 52.10
N ASP F 31 11.60 -31.83 53.04
CA ASP F 31 11.78 -31.31 54.38
C ASP F 31 12.89 -32.06 55.09
N GLU F 32 13.82 -31.32 55.69
CA GLU F 32 14.96 -31.92 56.35
C GLU F 32 14.57 -32.40 57.74
N THR F 33 15.24 -33.48 58.18
CA THR F 33 15.08 -34.05 59.52
C THR F 33 13.61 -34.42 59.77
N CYS F 34 13.15 -35.42 59.01
CA CYS F 34 11.79 -35.90 59.15
C CYS F 34 11.56 -36.62 60.48
N GLU F 35 12.61 -36.92 61.23
CA GLU F 35 12.44 -37.40 62.59
C GLU F 35 11.71 -36.36 63.44
N GLN F 36 11.93 -35.08 63.16
CA GLN F 36 11.16 -34.03 63.82
C GLN F 36 9.69 -34.16 63.49
N ARG F 37 9.36 -34.48 62.24
CA ARG F 37 7.97 -34.75 61.87
C ARG F 37 7.45 -35.98 62.60
N ALA F 38 8.30 -36.99 62.81
CA ALA F 38 7.91 -38.14 63.61
C ALA F 38 7.64 -37.75 65.06
N ALA F 39 8.31 -36.70 65.53
CA ALA F 39 8.11 -36.26 66.91
C ALA F 39 6.77 -35.57 67.12
N ARG F 40 6.13 -35.10 66.05
CA ARG F 40 4.88 -34.35 66.16
C ARG F 40 3.68 -35.13 65.63
N ILE F 41 3.76 -36.45 65.57
CA ILE F 41 2.64 -37.30 65.16
C ILE F 41 2.31 -38.24 66.30
N SER F 42 1.02 -38.35 66.64
CA SER F 42 0.55 -39.18 67.74
C SER F 42 0.21 -40.55 67.18
N LEU F 43 1.07 -41.53 67.46
CA LEU F 43 0.86 -42.90 66.99
C LEU F 43 1.61 -43.85 67.93
N GLY F 44 1.42 -45.14 67.72
CA GLY F 44 2.08 -46.14 68.51
C GLY F 44 3.57 -46.22 68.24
N PRO F 45 4.33 -46.78 69.19
CA PRO F 45 5.78 -46.90 68.96
C PRO F 45 6.14 -47.76 67.76
N ARG F 46 5.33 -48.77 67.45
CA ARG F 46 5.59 -49.58 66.26
C ARG F 46 5.50 -48.74 64.99
N CYS F 47 4.48 -47.90 64.88
CA CYS F 47 4.41 -46.99 63.75
C CYS F 47 5.51 -45.94 63.81
N ILE F 48 5.96 -45.56 65.02
CA ILE F 48 7.07 -44.63 65.12
C ILE F 48 8.32 -45.22 64.48
N LYS F 49 8.67 -46.45 64.85
CA LYS F 49 9.84 -47.11 64.29
C LYS F 49 9.68 -47.37 62.80
N ALA F 50 8.50 -47.85 62.39
CA ALA F 50 8.26 -48.12 60.97
C ALA F 50 8.34 -46.86 60.15
N PHE F 51 7.80 -45.75 60.66
CA PHE F 51 7.85 -44.47 59.96
C PHE F 51 9.28 -43.96 59.88
N THR F 52 10.07 -44.12 60.95
CA THR F 52 11.45 -43.68 60.90
C THR F 52 12.23 -44.45 59.83
N GLU F 53 12.09 -45.78 59.81
CA GLU F 53 12.79 -46.58 58.82
C GLU F 53 12.31 -46.26 57.40
N CYS F 54 10.99 -46.14 57.23
CA CYS F 54 10.42 -45.87 55.93
C CYS F 54 10.87 -44.50 55.42
N CYS F 55 10.87 -43.50 56.29
CA CYS F 55 11.31 -42.16 55.91
C CYS F 55 12.79 -42.12 55.60
N VAL F 56 13.62 -42.83 56.37
CA VAL F 56 15.05 -42.76 56.11
C VAL F 56 15.41 -43.47 54.80
N VAL F 57 14.74 -44.59 54.50
CA VAL F 57 15.02 -45.25 53.23
C VAL F 57 14.49 -44.42 52.07
N ALA F 58 13.33 -43.77 52.24
CA ALA F 58 12.82 -42.89 51.19
C ALA F 58 13.74 -41.71 50.97
N SER F 59 14.27 -41.12 52.04
CA SER F 59 15.19 -40.00 51.91
C SER F 59 16.50 -40.43 51.24
N GLN F 60 17.00 -41.63 51.58
CA GLN F 60 18.20 -42.13 50.91
C GLN F 60 17.94 -42.31 49.41
N LEU F 61 16.78 -42.87 49.04
CA LEU F 61 16.46 -43.03 47.64
C LEU F 61 16.35 -41.68 46.93
N ARG F 62 15.69 -40.71 47.56
CA ARG F 62 15.54 -39.39 46.95
C ARG F 62 16.88 -38.67 46.86
N ALA F 63 17.81 -38.97 47.76
CA ALA F 63 19.14 -38.37 47.69
C ALA F 63 19.97 -38.99 46.57
N ASN F 64 19.91 -40.32 46.42
CA ASN F 64 20.72 -40.97 45.40
C ASN F 64 20.10 -40.93 44.01
N ILE F 65 18.82 -40.56 43.89
CA ILE F 65 18.24 -40.45 42.56
C ILE F 65 18.86 -39.28 41.78
N SER F 66 19.24 -38.21 42.48
CA SER F 66 19.89 -37.04 41.87
C SER F 66 19.05 -36.47 40.74
N HIS F 67 17.76 -36.27 41.00
CA HIS F 67 16.84 -35.68 40.05
C HIS F 67 16.34 -34.35 40.58
N LYS F 68 16.35 -33.32 39.74
CA LYS F 68 15.96 -31.98 40.13
C LYS F 68 14.53 -31.73 39.69
N ASP F 69 13.68 -31.31 40.62
CA ASP F 69 12.30 -30.95 40.28
C ASP F 69 12.30 -29.60 39.58
N MET F 70 12.86 -29.57 38.38
CA MET F 70 13.03 -28.34 37.64
C MET F 70 11.70 -27.87 37.05
N GLN F 71 11.55 -26.56 36.95
CA GLN F 71 10.38 -25.94 36.33
C GLN F 71 10.90 -24.94 35.31
N LEU F 72 10.56 -25.15 34.04
CA LEU F 72 11.07 -24.35 32.93
C LEU F 72 12.59 -24.44 32.85
N GLY F 73 13.20 -23.61 32.02
CA GLY F 73 14.65 -23.62 31.85
C GLY F 73 15.19 -24.95 31.36
#